data_5XU2
#
_entry.id   5XU2
#
_cell.length_a   101.269
_cell.length_b   185.284
_cell.length_c   98.932
_cell.angle_alpha   90.00
_cell.angle_beta   90.00
_cell.angle_gamma   90.00
#
_symmetry.space_group_name_H-M   'C 2 2 21'
#
loop_
_entity.id
_entity.type
_entity.pdbx_description
1 polymer Transketolase
2 non-polymer 'CALCIUM ION'
3 non-polymer DI(HYDROXYETHYL)ETHER
4 non-polymer 'FRUCTOSE -6-PHOSPHATE'
5 non-polymer '2-[3-[(4-azanyl-2-methyl-pyrimidin-5-yl)methyl]-4-methyl-2H-1,3-thiazol-5-yl]ethyl phosphono hydrogen phosphate'
6 non-polymer 'THIAMINE DIPHOSPHATE'
7 water water
#
_entity_poly.entity_id   1
_entity_poly.type   'polypeptide(L)'
_entity_poly.pdbx_seq_one_letter_code
;MGSSHHHHHHSSGLVPRGSHMSSVDQKAISTIRLLAVDAVAAANSGHPGAPLGLAPAAHAVFKKMRFNPKDTKWINRDRF
VLSNGHACALLYSMLVLYGYDLTVEDLKKFRQLGSKTPGHPENTDVPGAEVTTGPLGQGICNGVGIALAQAQFAATYNKP
DFPISDSYTYVFLGDG(OCS)LMEGVSSEASSLAGHLQLGNLIAFWDDNKISIDGSTEVAFTEDVIARYKSYGWHIVEVS
DADTDITAIAAAIDEAKKVTNKPTLVRLTTTIGFGSLAQGTHGVHGAPLKADDIKQLKTKWGFNPEESFAVPAEVTASYN
EHVAENQKIQQQWNELFAAYKQKYPELGAELQRRLDGKLPENWDKALPVYTPADAAVATRKLSEIVLSKIIPEVPEIIGG
SADLTPSNLTKAKGTVDFQPAATGLGDYSGRYIRYGVREHAMGAIMNGIAAFGANYKNYGGTFLNFVSYAAGAVRLSALS
EFPITWVATHDSIGLGEDGPTHQPIETLAHFRATPNISVWRPADGNETSAAYKSAIESTHTPHILALTRQNLPQLEGSSI
EKASKGGYTLVQQDKADIIIVATGSEVSLAVDALKVLEGQGIKAGVVSLPDQLTFDKQSEEYKLSVLPDGVPILSVEVMS
TFGWSKYSHQQFGLNRFGASGKAPEIFKLFEFTPEGVAERAAKTVAFYKGKDVVSPLRSAF
;
_entity_poly.pdbx_strand_id   A
#
loop_
_chem_comp.id
_chem_comp.type
_chem_comp.name
_chem_comp.formula
8EL non-polymer '2-[3-[(4-azanyl-2-methyl-pyrimidin-5-yl)methyl]-4-methyl-2H-1,3-thiazol-5-yl]ethyl phosphono hydrogen phosphate' 'C12 H20 N4 O7 P2 S'
CA non-polymer 'CALCIUM ION' 'Ca 2'
F6R non-polymer 'FRUCTOSE -6-PHOSPHATE' 'C6 H13 O9 P'
PEG non-polymer DI(HYDROXYETHYL)ETHER 'C4 H10 O3'
TPP non-polymer 'THIAMINE DIPHOSPHATE' 'C12 H19 N4 O7 P2 S 1'
#
# COMPACT_ATOMS: atom_id res chain seq x y z
N SER A 23 27.52 -6.64 31.06
CA SER A 23 28.12 -5.77 29.99
C SER A 23 27.15 -4.67 29.59
N VAL A 24 27.63 -3.66 28.88
CA VAL A 24 26.71 -2.63 28.40
C VAL A 24 25.69 -3.20 27.41
N ASP A 25 26.10 -4.16 26.56
CA ASP A 25 25.15 -4.80 25.65
C ASP A 25 24.04 -5.53 26.42
N GLN A 26 24.43 -6.25 27.47
CA GLN A 26 23.43 -6.93 28.29
C GLN A 26 22.51 -5.93 28.97
N LYS A 27 23.06 -4.83 29.44
CA LYS A 27 22.26 -3.79 30.05
C LYS A 27 21.30 -3.16 29.05
N ALA A 28 21.75 -2.96 27.82
CA ALA A 28 20.88 -2.43 26.77
C ALA A 28 19.70 -3.36 26.51
N ILE A 29 19.99 -4.66 26.39
CA ILE A 29 18.91 -5.63 26.16
C ILE A 29 17.90 -5.61 27.29
N SER A 30 18.38 -5.58 28.53
CA SER A 30 17.46 -5.47 29.67
C SER A 30 16.65 -4.19 29.64
N THR A 31 17.29 -3.08 29.25
CA THR A 31 16.61 -1.80 29.16
C THR A 31 15.46 -1.87 28.15
N ILE A 32 15.74 -2.44 26.98
CA ILE A 32 14.73 -2.60 25.92
C ILE A 32 13.55 -3.42 26.46
N ARG A 33 13.88 -4.57 27.05
CA ARG A 33 12.85 -5.47 27.59
C ARG A 33 11.96 -4.75 28.58
N LEU A 34 12.59 -4.02 29.51
CA LEU A 34 11.87 -3.38 30.58
C LEU A 34 11.09 -2.15 30.14
N LEU A 35 11.63 -1.39 29.17
CA LEU A 35 10.83 -0.33 28.59
C LEU A 35 9.55 -0.87 27.97
N ALA A 36 9.68 -1.97 27.23
CA ALA A 36 8.51 -2.55 26.56
C ALA A 36 7.47 -3.02 27.58
N VAL A 37 7.93 -3.73 28.61
CA VAL A 37 7.03 -4.24 29.64
C VAL A 37 6.39 -3.10 30.42
N ASP A 38 7.17 -2.06 30.73
CA ASP A 38 6.62 -0.91 31.45
C ASP A 38 5.62 -0.14 30.61
N ALA A 39 5.82 -0.07 29.29
CA ALA A 39 4.86 0.59 28.41
C ALA A 39 3.51 -0.16 28.40
N VAL A 40 3.59 -1.48 28.26
CA VAL A 40 2.40 -2.32 28.31
C VAL A 40 1.71 -2.16 29.67
N ALA A 41 2.52 -2.12 30.74
CA ALA A 41 1.94 -1.99 32.08
C ALA A 41 1.20 -0.69 32.26
N ALA A 42 1.78 0.40 31.76
CA ALA A 42 1.16 1.72 31.89
C ALA A 42 -0.16 1.80 31.14
N ALA A 43 -0.23 1.17 29.98
CA ALA A 43 -1.45 1.14 29.18
C ALA A 43 -2.48 0.17 29.73
N ASN A 44 -2.01 -0.79 30.52
CA ASN A 44 -2.78 -1.97 30.87
C ASN A 44 -3.40 -2.63 29.63
N SER A 45 -2.60 -2.67 28.56
CA SER A 45 -3.03 -3.18 27.28
C SER A 45 -1.77 -3.41 26.46
N GLY A 46 -1.79 -4.45 25.64
CA GLY A 46 -0.71 -4.70 24.71
C GLY A 46 0.02 -6.00 24.97
N HIS A 47 1.15 -6.13 24.28
CA HIS A 47 1.75 -7.41 24.00
C HIS A 47 3.20 -7.43 24.48
N PRO A 48 3.47 -8.05 25.65
CA PRO A 48 4.84 -8.04 26.18
C PRO A 48 5.69 -9.22 25.71
N GLY A 49 5.09 -10.30 25.24
CA GLY A 49 5.80 -11.53 25.02
C GLY A 49 6.85 -11.46 23.94
N ALA A 50 6.45 -11.08 22.75
CA ALA A 50 7.40 -11.02 21.66
C ALA A 50 8.46 -9.94 21.89
N PRO A 51 8.12 -8.78 22.47
CA PRO A 51 9.21 -7.83 22.80
C PRO A 51 10.27 -8.42 23.73
N LEU A 52 9.83 -9.18 24.75
CA LEU A 52 10.79 -9.81 25.63
C LEU A 52 11.67 -10.82 24.89
N GLY A 53 11.07 -11.60 23.99
CA GLY A 53 11.80 -12.61 23.25
C GLY A 53 12.74 -12.04 22.19
N LEU A 54 12.36 -10.92 21.59
CA LEU A 54 13.09 -10.37 20.46
C LEU A 54 14.05 -9.25 20.82
N ALA A 55 14.11 -8.82 22.09
CA ALA A 55 15.03 -7.73 22.44
C ALA A 55 16.49 -8.01 22.09
N PRO A 56 17.03 -9.21 22.32
CA PRO A 56 18.42 -9.44 21.93
C PRO A 56 18.62 -9.24 20.42
N ALA A 57 17.72 -9.80 19.62
CA ALA A 57 17.81 -9.65 18.18
C ALA A 57 17.67 -8.19 17.76
N ALA A 58 16.74 -7.46 18.37
CA ALA A 58 16.56 -6.06 18.03
C ALA A 58 17.83 -5.28 18.32
N HIS A 59 18.42 -5.52 19.49
CA HIS A 59 19.67 -4.85 19.83
C HIS A 59 20.73 -5.15 18.76
N ALA A 60 20.90 -6.42 18.43
CA ALA A 60 21.95 -6.83 17.48
C ALA A 60 21.71 -6.22 16.10
N VAL A 61 20.47 -6.26 15.63
CA VAL A 61 20.17 -5.77 14.28
C VAL A 61 20.35 -4.26 14.22
N PHE A 62 19.83 -3.52 15.20
CA PHE A 62 19.99 -2.06 15.15
C PHE A 62 21.45 -1.66 15.23
N LYS A 63 22.30 -2.42 15.95
CA LYS A 63 23.74 -2.13 15.95
C LYS A 63 24.40 -2.33 14.60
N LYS A 64 23.86 -3.19 13.75
CA LYS A 64 24.37 -3.42 12.40
C LYS A 64 23.76 -2.43 11.40
N MET A 65 22.63 -1.82 11.70
CA MET A 65 21.92 -0.94 10.77
CA MET A 65 21.94 -0.95 10.76
C MET A 65 22.57 0.44 10.69
N ARG A 66 22.51 1.00 9.50
CA ARG A 66 22.85 2.39 9.23
C ARG A 66 21.58 3.21 9.10
N PHE A 67 21.46 4.23 9.97
CA PHE A 67 20.26 5.05 10.04
C PHE A 67 20.63 6.34 10.75
N ASN A 68 19.84 7.37 10.53
CA ASN A 68 19.99 8.64 11.21
C ASN A 68 18.66 8.97 11.89
N PRO A 69 18.60 8.96 13.22
CA PRO A 69 17.36 9.32 13.93
C PRO A 69 16.91 10.74 13.66
N LYS A 70 17.84 11.60 13.23
CA LYS A 70 17.55 12.98 12.88
C LYS A 70 17.25 13.17 11.38
N ASP A 71 17.34 12.11 10.57
CA ASP A 71 16.95 12.18 9.16
C ASP A 71 16.38 10.82 8.77
N THR A 72 15.10 10.67 9.06
CA THR A 72 14.40 9.43 8.83
C THR A 72 14.25 9.09 7.36
N LYS A 73 14.53 10.05 6.47
CA LYS A 73 14.32 9.85 5.05
C LYS A 73 15.63 9.70 4.25
N TRP A 74 16.78 9.57 4.92
CA TRP A 74 18.03 9.35 4.20
C TRP A 74 17.88 8.17 3.26
N ILE A 75 18.09 8.37 1.96
CA ILE A 75 17.66 7.34 1.00
C ILE A 75 18.50 6.09 1.03
N ASN A 76 19.72 6.18 1.58
CA ASN A 76 20.60 5.03 1.70
C ASN A 76 20.61 4.40 3.10
N ARG A 77 19.60 4.73 3.92
CA ARG A 77 19.49 4.05 5.19
C ARG A 77 19.15 2.57 5.00
N ASP A 78 19.60 1.74 5.94
CA ASP A 78 18.98 0.43 6.05
C ASP A 78 17.55 0.62 6.55
N ARG A 79 16.62 -0.21 6.09
CA ARG A 79 15.25 -0.18 6.57
C ARG A 79 15.01 -1.36 7.52
N PHE A 80 14.21 -1.09 8.54
CA PHE A 80 13.71 -2.11 9.46
C PHE A 80 12.20 -2.14 9.39
N VAL A 81 11.64 -3.36 9.35
CA VAL A 81 10.19 -3.56 9.37
C VAL A 81 9.84 -4.57 10.45
N LEU A 82 8.97 -4.15 11.37
CA LEU A 82 8.41 -5.03 12.40
C LEU A 82 7.11 -5.61 11.83
N SER A 83 7.20 -6.76 11.16
CA SER A 83 6.02 -7.34 10.54
C SER A 83 5.02 -7.87 11.58
N ASN A 84 5.56 -8.34 12.69
CA ASN A 84 4.74 -8.75 13.82
C ASN A 84 4.41 -7.50 14.64
N GLY A 85 3.50 -6.68 14.10
CA GLY A 85 3.31 -5.32 14.58
C GLY A 85 2.78 -5.22 16.00
N HIS A 86 2.11 -6.27 16.48
CA HIS A 86 1.68 -6.29 17.87
C HIS A 86 2.84 -6.14 18.83
N ALA A 87 4.06 -6.50 18.40
CA ALA A 87 5.27 -6.38 19.22
C ALA A 87 5.82 -4.96 19.21
N CYS A 88 5.00 -3.96 18.83
CA CYS A 88 5.52 -2.60 18.66
C CYS A 88 6.07 -1.95 19.89
N ALA A 89 5.75 -2.39 21.12
CA ALA A 89 6.45 -1.81 22.26
C ALA A 89 7.97 -1.98 22.09
N LEU A 90 8.39 -3.07 21.44
CA LEU A 90 9.81 -3.27 21.13
C LEU A 90 10.33 -2.21 20.17
N LEU A 91 9.64 -2.00 19.05
CA LEU A 91 10.07 -0.97 18.08
C LEU A 91 10.13 0.39 18.74
N TYR A 92 9.09 0.76 19.48
CA TYR A 92 9.08 2.09 20.09
C TYR A 92 10.23 2.25 21.07
N SER A 93 10.55 1.19 21.81
CA SER A 93 11.67 1.25 22.74
C SER A 93 12.99 1.49 21.99
N MET A 94 13.19 0.82 20.86
CA MET A 94 14.40 1.04 20.06
C MET A 94 14.48 2.48 19.59
N LEU A 95 13.37 3.01 19.07
CA LEU A 95 13.34 4.36 18.53
C LEU A 95 13.63 5.38 19.62
N VAL A 96 13.06 5.17 20.80
CA VAL A 96 13.32 6.06 21.93
C VAL A 96 14.79 6.00 22.33
N LEU A 97 15.34 4.80 22.46
CA LEU A 97 16.74 4.67 22.90
C LEU A 97 17.72 5.30 21.93
N TYR A 98 17.41 5.25 20.64
CA TYR A 98 18.26 5.83 19.62
C TYR A 98 18.00 7.29 19.35
N GLY A 99 17.06 7.93 20.04
CA GLY A 99 16.88 9.37 19.90
C GLY A 99 16.18 9.79 18.64
N TYR A 100 15.29 8.94 18.11
CA TYR A 100 14.29 9.40 17.17
C TYR A 100 13.39 10.40 17.88
N ASP A 101 12.47 11.01 17.13
CA ASP A 101 11.52 11.98 17.65
C ASP A 101 10.38 11.28 18.38
N LEU A 102 10.74 10.57 19.44
CA LEU A 102 9.88 9.70 20.23
C LEU A 102 10.60 9.58 21.56
N THR A 103 9.91 9.83 22.66
CA THR A 103 10.52 9.90 23.97
C THR A 103 9.94 8.91 24.96
N VAL A 104 10.57 8.81 26.12
CA VAL A 104 9.98 8.03 27.21
C VAL A 104 8.59 8.55 27.57
N GLU A 105 8.37 9.87 27.50
CA GLU A 105 7.04 10.39 27.77
C GLU A 105 6.01 9.86 26.77
N ASP A 106 6.41 9.66 25.51
CA ASP A 106 5.53 9.02 24.53
C ASP A 106 5.29 7.56 24.87
N LEU A 107 6.31 6.84 25.36
CA LEU A 107 6.13 5.44 25.80
C LEU A 107 5.14 5.32 26.93
N LYS A 108 5.13 6.29 27.83
CA LYS A 108 4.16 6.30 28.91
C LYS A 108 2.73 6.44 28.43
N LYS A 109 2.56 6.93 27.20
CA LYS A 109 1.26 7.11 26.57
C LYS A 109 0.98 6.05 25.51
N PHE A 110 1.66 4.91 25.60
CA PHE A 110 1.40 3.77 24.72
C PHE A 110 -0.08 3.46 24.72
N ARG A 111 -0.65 3.32 23.52
CA ARG A 111 -2.04 2.88 23.37
C ARG A 111 -3.06 3.88 23.90
N GLN A 112 -2.62 5.10 24.16
CA GLN A 112 -3.57 6.19 24.62
CA GLN A 112 -3.57 6.14 24.62
C GLN A 112 -4.00 7.13 23.49
N LEU A 113 -5.23 7.53 23.54
CA LEU A 113 -5.80 8.29 22.46
C LEU A 113 -4.92 9.49 22.11
N GLY A 114 -4.59 9.62 20.82
CA GLY A 114 -3.80 10.72 20.31
C GLY A 114 -2.29 10.60 20.49
N SER A 115 -1.78 9.51 21.06
CA SER A 115 -0.34 9.44 21.28
C SER A 115 0.44 9.10 20.01
N LYS A 116 1.76 9.24 20.11
CA LYS A 116 2.68 8.84 19.04
C LYS A 116 3.10 7.40 19.15
N THR A 117 2.45 6.66 20.06
CA THR A 117 2.76 5.27 20.33
C THR A 117 1.47 4.44 20.27
N PRO A 118 0.84 4.37 19.08
CA PRO A 118 -0.37 3.58 18.93
C PRO A 118 -0.11 2.09 19.10
N GLY A 119 -1.19 1.35 19.33
CA GLY A 119 -1.08 -0.09 19.60
C GLY A 119 -0.52 -0.97 18.51
N HIS A 120 -0.52 -0.48 17.28
CA HIS A 120 0.23 -1.07 16.18
C HIS A 120 0.93 0.10 15.45
N PRO A 121 2.10 -0.13 14.85
CA PRO A 121 2.83 1.00 14.32
C PRO A 121 2.19 1.54 13.04
N GLU A 122 2.17 2.87 12.96
CA GLU A 122 1.59 3.60 11.82
C GLU A 122 2.65 4.52 11.25
N ASN A 123 2.98 4.36 9.96
CA ASN A 123 4.01 5.19 9.37
C ASN A 123 3.63 6.66 9.35
N THR A 124 2.35 7.01 9.28
CA THR A 124 1.97 8.41 9.26
C THR A 124 2.22 9.10 10.63
N ASP A 125 2.26 8.33 11.71
CA ASP A 125 2.23 8.84 13.10
C ASP A 125 3.56 8.66 13.83
N VAL A 126 4.35 7.65 13.46
CA VAL A 126 5.47 7.20 14.27
C VAL A 126 6.76 7.43 13.50
N PRO A 127 7.62 8.35 13.99
CA PRO A 127 8.91 8.54 13.33
C PRO A 127 9.74 7.25 13.39
N GLY A 128 10.28 6.80 12.24
CA GLY A 128 11.02 5.55 12.17
C GLY A 128 10.20 4.29 11.92
N ALA A 129 8.88 4.43 11.78
CA ALA A 129 8.03 3.32 11.32
C ALA A 129 7.92 3.44 9.80
N GLU A 130 8.54 2.51 9.08
CA GLU A 130 8.60 2.61 7.62
C GLU A 130 7.24 2.38 6.95
N VAL A 131 6.45 1.50 7.57
CA VAL A 131 5.18 1.01 7.06
C VAL A 131 4.25 0.83 8.26
N THR A 132 2.98 0.58 7.96
CA THR A 132 1.96 0.31 8.97
C THR A 132 1.74 -1.20 9.05
N THR A 133 2.01 -1.76 10.23
CA THR A 133 1.86 -3.19 10.40
C THR A 133 0.89 -3.46 11.55
N GLY A 134 0.62 -4.73 11.82
CA GLY A 134 -0.47 -5.12 12.73
C GLY A 134 -1.36 -6.18 12.11
N PRO A 135 -1.80 -5.96 10.86
CA PRO A 135 -2.43 -7.03 10.09
C PRO A 135 -1.33 -8.00 9.66
N LEU A 136 -1.42 -9.24 10.13
CA LEU A 136 -0.32 -10.16 9.99
C LEU A 136 -0.06 -10.49 8.53
N GLY A 137 1.22 -10.70 8.23
CA GLY A 137 1.68 -11.03 6.91
C GLY A 137 2.14 -9.85 6.08
N GLN A 138 1.64 -8.66 6.40
CA GLN A 138 1.88 -7.49 5.54
C GLN A 138 3.33 -7.05 5.55
N GLY A 139 3.92 -6.93 6.73
CA GLY A 139 5.23 -6.30 6.83
C GLY A 139 6.32 -7.04 6.08
N ILE A 140 6.33 -8.36 6.11
CA ILE A 140 7.34 -9.08 5.35
C ILE A 140 7.18 -8.77 3.85
N CYS A 141 5.95 -8.70 3.36
CA CYS A 141 5.72 -8.34 1.97
C CYS A 141 6.17 -6.91 1.69
N ASN A 142 5.89 -6.01 2.61
CA ASN A 142 6.39 -4.65 2.48
C ASN A 142 7.92 -4.65 2.39
N GLY A 143 8.58 -5.48 3.20
CA GLY A 143 10.02 -5.60 3.14
C GLY A 143 10.50 -6.11 1.79
N VAL A 144 9.79 -7.08 1.21
CA VAL A 144 10.10 -7.49 -0.14
C VAL A 144 10.02 -6.30 -1.09
N GLY A 145 9.00 -5.48 -0.97
CA GLY A 145 8.90 -4.31 -1.82
C GLY A 145 9.98 -3.26 -1.61
N ILE A 146 10.34 -3.01 -0.35
CA ILE A 146 11.46 -2.09 -0.07
C ILE A 146 12.73 -2.63 -0.74
N ALA A 147 12.97 -3.93 -0.60
CA ALA A 147 14.16 -4.53 -1.18
C ALA A 147 14.12 -4.54 -2.70
N LEU A 148 12.94 -4.74 -3.28
CA LEU A 148 12.78 -4.71 -4.74
C LEU A 148 13.11 -3.30 -5.24
N ALA A 149 12.52 -2.30 -4.60
CA ALA A 149 12.80 -0.91 -4.93
C ALA A 149 14.28 -0.61 -4.79
N GLN A 150 14.92 -1.04 -3.70
CA GLN A 150 16.34 -0.73 -3.53
C GLN A 150 17.15 -1.33 -4.68
N ALA A 151 16.84 -2.56 -5.08
CA ALA A 151 17.57 -3.18 -6.17
C ALA A 151 17.37 -2.41 -7.47
N GLN A 152 16.15 -2.00 -7.74
CA GLN A 152 15.83 -1.26 -8.97
C GLN A 152 16.52 0.11 -8.96
N PHE A 153 16.49 0.77 -7.81
CA PHE A 153 17.07 2.08 -7.62
C PHE A 153 18.59 2.01 -7.80
N ALA A 154 19.23 1.05 -7.15
CA ALA A 154 20.67 0.88 -7.28
C ALA A 154 21.06 0.57 -8.71
N ALA A 155 20.29 -0.28 -9.40
CA ALA A 155 20.60 -0.59 -10.79
C ALA A 155 20.47 0.64 -11.67
N THR A 156 19.56 1.52 -11.33
CA THR A 156 19.32 2.74 -12.11
C THR A 156 20.42 3.77 -11.91
N TYR A 157 20.89 3.94 -10.68
CA TYR A 157 21.78 5.07 -10.35
C TYR A 157 23.21 4.70 -10.05
N ASN A 158 23.51 3.53 -9.50
CA ASN A 158 24.90 3.29 -9.10
C ASN A 158 25.83 3.27 -10.31
N LYS A 159 27.05 3.73 -10.08
CA LYS A 159 28.09 3.77 -11.10
C LYS A 159 29.39 3.31 -10.44
N PRO A 160 30.43 3.04 -11.24
CA PRO A 160 31.73 2.69 -10.63
C PRO A 160 32.20 3.80 -9.68
N ASP A 161 32.62 3.42 -8.48
CA ASP A 161 33.01 4.34 -7.41
C ASP A 161 31.87 5.17 -6.84
N PHE A 162 30.63 4.86 -7.23
CA PHE A 162 29.46 5.60 -6.76
C PHE A 162 28.35 4.64 -6.33
N PRO A 163 28.54 4.05 -5.13
CA PRO A 163 27.49 3.21 -4.53
C PRO A 163 26.43 4.09 -3.88
N ILE A 164 25.63 4.73 -4.73
CA ILE A 164 24.58 5.61 -4.27
C ILE A 164 23.57 4.85 -3.39
N SER A 165 23.27 3.61 -3.77
CA SER A 165 22.34 2.79 -3.01
C SER A 165 22.92 1.42 -2.77
N ASP A 166 23.07 1.07 -1.49
CA ASP A 166 23.64 -0.22 -1.13
C ASP A 166 23.07 -0.74 0.19
N SER A 167 21.86 -0.30 0.51
CA SER A 167 21.25 -0.58 1.79
C SER A 167 20.52 -1.91 1.83
N TYR A 168 20.31 -2.35 3.07
CA TYR A 168 19.65 -3.60 3.39
C TYR A 168 18.26 -3.37 3.94
N THR A 169 17.46 -4.44 3.91
CA THR A 169 16.11 -4.43 4.44
C THR A 169 16.02 -5.57 5.46
N TYR A 170 15.79 -5.19 6.71
CA TYR A 170 15.71 -6.13 7.83
C TYR A 170 14.26 -6.24 8.26
N VAL A 171 13.77 -7.47 8.40
CA VAL A 171 12.37 -7.68 8.77
C VAL A 171 12.27 -8.65 9.92
N PHE A 172 11.52 -8.29 10.96
CA PHE A 172 11.15 -9.25 12.01
C PHE A 172 9.75 -9.77 11.73
N LEU A 173 9.57 -11.07 11.94
CA LEU A 173 8.26 -11.69 11.69
C LEU A 173 8.07 -12.83 12.66
N GLY A 174 6.80 -13.19 12.88
CA GLY A 174 6.46 -14.29 13.78
C GLY A 174 5.72 -15.41 13.06
N ASP A 175 5.31 -16.38 13.89
CA ASP A 175 4.59 -17.55 13.38
C ASP A 175 3.32 -17.15 12.64
N GLY A 176 2.57 -16.16 13.16
CA GLY A 176 1.34 -15.76 12.50
C GLY A 176 1.58 -15.24 11.10
N OCS A 177 2.67 -14.48 10.94
CA OCS A 177 3.03 -13.98 9.62
CB OCS A 177 4.26 -13.08 9.73
SG OCS A 177 4.04 -11.61 10.62
C OCS A 177 3.28 -15.13 8.66
O OCS A 177 2.90 -15.04 7.49
OD1 OCS A 177 3.69 -10.68 9.42
OD2 OCS A 177 2.79 -11.35 11.03
OD3 OCS A 177 5.27 -11.12 11.01
N LEU A 178 3.94 -16.18 9.14
CA LEU A 178 4.28 -17.35 8.32
C LEU A 178 3.07 -18.23 7.97
N MET A 179 1.99 -18.11 8.72
CA MET A 179 0.76 -18.81 8.38
C MET A 179 -0.07 -18.09 7.34
N GLU A 180 0.04 -16.76 7.27
CA GLU A 180 -0.77 -15.99 6.34
C GLU A 180 -0.28 -16.20 4.93
N GLY A 181 -1.19 -16.49 4.00
CA GLY A 181 -0.81 -16.81 2.64
C GLY A 181 -0.07 -15.69 1.94
N VAL A 182 -0.37 -14.44 2.28
CA VAL A 182 0.28 -13.34 1.59
C VAL A 182 1.79 -13.43 1.76
N SER A 183 2.29 -13.89 2.92
CA SER A 183 3.73 -13.98 3.09
CA SER A 183 3.73 -14.02 3.14
C SER A 183 4.34 -15.10 2.25
N SER A 184 3.60 -16.18 2.01
CA SER A 184 4.07 -17.22 1.10
C SER A 184 4.23 -16.67 -0.31
N GLU A 185 3.23 -15.94 -0.76
CA GLU A 185 3.29 -15.32 -2.10
C GLU A 185 4.56 -14.47 -2.21
N ALA A 186 4.75 -13.57 -1.25
CA ALA A 186 5.87 -12.64 -1.36
C ALA A 186 7.19 -13.34 -1.21
N SER A 187 7.25 -14.40 -0.39
CA SER A 187 8.48 -15.12 -0.17
C SER A 187 8.88 -15.95 -1.40
N SER A 188 7.91 -16.56 -2.06
CA SER A 188 8.16 -17.25 -3.32
C SER A 188 8.73 -16.25 -4.33
N LEU A 189 8.09 -15.09 -4.46
CA LEU A 189 8.54 -14.10 -5.43
C LEU A 189 9.93 -13.54 -5.06
N ALA A 190 10.16 -13.24 -3.79
CA ALA A 190 11.45 -12.71 -3.38
C ALA A 190 12.59 -13.66 -3.65
N GLY A 191 12.34 -14.96 -3.43
CA GLY A 191 13.33 -15.97 -3.77
C GLY A 191 13.59 -16.02 -5.27
N HIS A 192 12.53 -15.98 -6.06
CA HIS A 192 12.68 -15.94 -7.51
C HIS A 192 13.52 -14.73 -7.95
N LEU A 193 13.28 -13.58 -7.31
CA LEU A 193 13.95 -12.32 -7.65
C LEU A 193 15.34 -12.20 -7.05
N GLN A 194 15.80 -13.19 -6.29
CA GLN A 194 17.19 -13.26 -5.82
C GLN A 194 17.55 -12.02 -5.01
N LEU A 195 16.62 -11.59 -4.14
CA LEU A 195 16.78 -10.31 -3.41
C LEU A 195 17.72 -10.48 -2.21
N GLY A 196 19.02 -10.42 -2.51
CA GLY A 196 20.05 -10.65 -1.54
C GLY A 196 20.23 -9.60 -0.47
N ASN A 197 19.60 -8.43 -0.61
CA ASN A 197 19.71 -7.44 0.44
C ASN A 197 18.54 -7.49 1.42
N LEU A 198 17.67 -8.50 1.29
CA LEU A 198 16.59 -8.77 2.24
C LEU A 198 17.06 -9.81 3.26
N ILE A 199 16.94 -9.46 4.53
CA ILE A 199 17.32 -10.32 5.65
C ILE A 199 16.15 -10.31 6.62
N ALA A 200 15.45 -11.45 6.73
CA ALA A 200 14.31 -11.59 7.59
C ALA A 200 14.66 -12.48 8.77
N PHE A 201 13.99 -12.24 9.89
CA PHE A 201 14.26 -12.94 11.14
C PHE A 201 12.93 -13.49 11.64
N TRP A 202 12.86 -14.80 11.76
CA TRP A 202 11.68 -15.50 12.27
C TRP A 202 11.82 -15.69 13.78
N ASP A 203 10.85 -15.15 14.52
CA ASP A 203 10.75 -15.38 15.95
C ASP A 203 10.14 -16.76 16.20
N ASP A 204 11.03 -17.75 16.29
CA ASP A 204 10.63 -19.15 16.42
C ASP A 204 10.43 -19.47 17.90
N ASN A 205 9.26 -19.11 18.39
CA ASN A 205 8.93 -19.27 19.81
C ASN A 205 7.84 -20.30 20.07
N LYS A 206 7.30 -20.89 19.01
CA LYS A 206 6.34 -21.99 19.09
C LYS A 206 5.06 -21.69 19.83
N ILE A 207 4.68 -20.42 19.92
CA ILE A 207 3.47 -20.01 20.67
C ILE A 207 2.71 -18.98 19.87
N SER A 208 1.41 -19.21 19.63
CA SER A 208 0.54 -18.19 19.04
C SER A 208 -0.64 -17.99 19.97
N ILE A 209 -1.69 -17.30 19.56
CA ILE A 209 -2.79 -17.02 20.49
C ILE A 209 -3.49 -18.28 20.95
N ASP A 210 -3.67 -19.23 20.04
CA ASP A 210 -4.37 -20.47 20.40
C ASP A 210 -3.49 -21.47 21.15
N GLY A 211 -2.26 -21.09 21.46
CA GLY A 211 -1.39 -21.97 22.23
C GLY A 211 -0.21 -22.43 21.42
N SER A 212 0.23 -23.65 21.69
CA SER A 212 1.34 -24.20 20.97
C SER A 212 1.11 -24.17 19.44
N THR A 213 2.16 -23.89 18.66
CA THR A 213 2.08 -24.10 17.23
C THR A 213 1.85 -25.56 16.86
N GLU A 214 2.03 -26.50 17.79
CA GLU A 214 1.70 -27.88 17.48
C GLU A 214 0.23 -28.07 17.12
N VAL A 215 -0.66 -27.14 17.51
CA VAL A 215 -2.07 -27.33 17.25
C VAL A 215 -2.48 -27.03 15.82
N ALA A 216 -1.69 -26.24 15.10
CA ALA A 216 -2.11 -25.79 13.76
C ALA A 216 -0.98 -25.51 12.79
N PHE A 217 0.28 -25.58 13.21
CA PHE A 217 1.40 -25.05 12.41
C PHE A 217 2.61 -25.93 12.64
N THR A 218 2.58 -27.11 12.01
CA THR A 218 3.58 -28.14 12.19
C THR A 218 4.44 -28.36 10.94
N GLU A 219 4.27 -27.52 9.93
CA GLU A 219 5.08 -27.58 8.72
C GLU A 219 6.56 -27.32 9.05
N ASP A 220 7.41 -27.79 8.15
CA ASP A 220 8.85 -27.51 8.23
C ASP A 220 9.12 -26.19 7.50
N VAL A 221 9.07 -25.10 8.27
CA VAL A 221 9.22 -23.76 7.74
C VAL A 221 10.54 -23.61 6.99
N ILE A 222 11.63 -24.11 7.58
CA ILE A 222 12.94 -23.96 6.97
C ILE A 222 12.99 -24.67 5.62
N ALA A 223 12.45 -25.89 5.56
CA ALA A 223 12.42 -26.60 4.30
C ALA A 223 11.58 -25.82 3.26
N ARG A 224 10.49 -25.21 3.69
CA ARG A 224 9.68 -24.41 2.76
C ARG A 224 10.49 -23.20 2.24
N TYR A 225 11.18 -22.50 3.13
CA TYR A 225 11.97 -21.36 2.66
C TYR A 225 13.11 -21.78 1.74
N LYS A 226 13.73 -22.91 1.99
CA LYS A 226 14.71 -23.42 1.04
C LYS A 226 14.07 -23.66 -0.32
N SER A 227 12.83 -24.17 -0.34
CA SER A 227 12.17 -24.45 -1.60
C SER A 227 11.91 -23.18 -2.42
N TYR A 228 11.79 -22.03 -1.75
CA TYR A 228 11.64 -20.76 -2.43
C TYR A 228 12.96 -20.18 -2.93
N GLY A 229 14.09 -20.78 -2.57
CA GLY A 229 15.40 -20.23 -2.94
C GLY A 229 15.95 -19.24 -1.94
N TRP A 230 15.52 -19.30 -0.68
CA TRP A 230 16.13 -18.48 0.37
C TRP A 230 17.32 -19.20 0.98
N HIS A 231 18.26 -18.39 1.47
CA HIS A 231 19.32 -18.85 2.33
C HIS A 231 18.81 -18.89 3.78
N ILE A 232 19.31 -19.83 4.57
CA ILE A 232 18.88 -20.00 5.95
C ILE A 232 20.06 -19.88 6.89
N VAL A 233 19.88 -19.16 8.00
CA VAL A 233 20.81 -19.22 9.12
C VAL A 233 19.97 -19.55 10.36
N GLU A 234 20.42 -20.50 11.17
CA GLU A 234 19.69 -20.83 12.39
C GLU A 234 20.49 -20.40 13.61
N VAL A 235 19.82 -19.70 14.52
CA VAL A 235 20.40 -19.27 15.79
C VAL A 235 19.62 -19.99 16.90
N SER A 236 20.23 -21.02 17.47
CA SER A 236 19.51 -21.89 18.41
C SER A 236 19.26 -21.28 19.76
N ASP A 237 20.10 -20.32 20.16
CA ASP A 237 19.87 -19.66 21.46
C ASP A 237 19.75 -18.16 21.33
N ALA A 238 18.68 -17.75 20.69
CA ALA A 238 18.49 -16.33 20.42
C ALA A 238 17.98 -15.56 21.64
N ASP A 239 17.74 -16.24 22.76
CA ASP A 239 17.45 -15.53 24.00
C ASP A 239 18.66 -14.79 24.55
N THR A 240 19.86 -15.24 24.20
CA THR A 240 21.11 -14.66 24.71
C THR A 240 22.21 -14.41 23.67
N ASP A 241 22.25 -15.17 22.57
CA ASP A 241 23.45 -15.23 21.73
C ASP A 241 23.48 -14.13 20.66
N ILE A 242 23.71 -12.91 21.10
CA ILE A 242 23.82 -11.78 20.17
C ILE A 242 25.04 -11.89 19.28
N THR A 243 26.09 -12.59 19.73
CA THR A 243 27.21 -12.83 18.85
C THR A 243 26.79 -13.61 17.61
N ALA A 244 25.99 -14.66 17.82
CA ALA A 244 25.49 -15.47 16.72
C ALA A 244 24.50 -14.72 15.85
N ILE A 245 23.70 -13.83 16.43
CA ILE A 245 22.76 -13.06 15.62
C ILE A 245 23.55 -12.09 14.71
N ALA A 246 24.56 -11.42 15.28
CA ALA A 246 25.42 -10.56 14.46
C ALA A 246 26.12 -11.36 13.37
N ALA A 247 26.62 -12.54 13.71
CA ALA A 247 27.28 -13.38 12.73
C ALA A 247 26.32 -13.82 11.61
N ALA A 248 25.06 -14.06 11.97
CA ALA A 248 24.05 -14.44 10.97
C ALA A 248 23.84 -13.32 9.96
N ILE A 249 23.84 -12.07 10.43
CA ILE A 249 23.72 -10.93 9.54
C ILE A 249 24.93 -10.86 8.62
N ASP A 250 26.14 -11.05 9.16
CA ASP A 250 27.33 -11.04 8.32
C ASP A 250 27.25 -12.13 7.26
N GLU A 251 26.79 -13.32 7.65
CA GLU A 251 26.66 -14.44 6.72
C GLU A 251 25.64 -14.09 5.63
N ALA A 252 24.49 -13.55 6.03
CA ALA A 252 23.47 -13.16 5.07
C ALA A 252 24.00 -12.16 4.05
N LYS A 253 24.84 -11.21 4.50
CA LYS A 253 25.39 -10.22 3.59
C LYS A 253 26.32 -10.82 2.55
N LYS A 254 26.93 -11.95 2.84
CA LYS A 254 27.77 -12.63 1.86
C LYS A 254 26.99 -13.34 0.77
N VAL A 255 25.72 -13.65 1.03
CA VAL A 255 24.89 -14.36 0.05
C VAL A 255 24.11 -13.33 -0.74
N THR A 256 24.69 -12.89 -1.84
CA THR A 256 24.17 -11.73 -2.56
C THR A 256 23.03 -12.03 -3.52
N ASN A 257 22.76 -13.32 -3.76
CA ASN A 257 21.73 -13.72 -4.72
C ASN A 257 20.59 -14.49 -4.09
N LYS A 258 20.43 -14.40 -2.77
CA LYS A 258 19.28 -15.03 -2.13
C LYS A 258 18.85 -14.17 -0.96
N PRO A 259 17.55 -13.96 -0.74
CA PRO A 259 17.09 -13.42 0.53
C PRO A 259 17.41 -14.44 1.62
N THR A 260 17.63 -13.97 2.85
CA THR A 260 17.96 -14.85 3.96
C THR A 260 16.88 -14.82 5.03
N LEU A 261 16.57 -16.01 5.54
CA LEU A 261 15.73 -16.17 6.72
C LEU A 261 16.62 -16.64 7.87
N VAL A 262 16.63 -15.85 8.94
CA VAL A 262 17.35 -16.18 10.15
C VAL A 262 16.33 -16.72 11.17
N ARG A 263 16.49 -17.99 11.53
CA ARG A 263 15.62 -18.62 12.51
C ARG A 263 16.13 -18.27 13.90
N LEU A 264 15.35 -17.47 14.64
CA LEU A 264 15.71 -17.07 15.99
C LEU A 264 14.91 -17.93 16.96
N THR A 265 15.55 -18.94 17.55
CA THR A 265 14.82 -19.75 18.52
C THR A 265 14.81 -19.01 19.85
N THR A 266 13.63 -18.54 20.25
CA THR A 266 13.46 -17.70 21.43
C THR A 266 12.39 -18.32 22.33
N THR A 267 12.36 -17.80 23.55
CA THR A 267 11.31 -18.05 24.51
C THR A 267 10.40 -16.85 24.54
N ILE A 268 9.11 -17.02 24.20
CA ILE A 268 8.19 -15.89 24.28
C ILE A 268 8.17 -15.41 25.73
N GLY A 269 8.20 -14.11 25.93
CA GLY A 269 8.16 -13.60 27.27
C GLY A 269 9.41 -13.91 28.10
N PHE A 270 10.56 -14.15 27.46
CA PHE A 270 11.77 -14.51 28.15
C PHE A 270 11.98 -13.67 29.41
N GLY A 271 12.17 -14.39 30.52
CA GLY A 271 12.41 -13.78 31.80
C GLY A 271 11.20 -13.73 32.69
N SER A 272 10.01 -13.62 32.10
CA SER A 272 8.78 -13.61 32.86
C SER A 272 8.56 -14.94 33.57
N LEU A 273 7.87 -14.88 34.70
CA LEU A 273 7.37 -16.08 35.34
C LEU A 273 6.52 -16.91 34.39
N ALA A 274 5.85 -16.23 33.47
CA ALA A 274 4.96 -16.84 32.50
C ALA A 274 5.60 -17.01 31.12
N GLN A 275 6.94 -16.97 31.06
CA GLN A 275 7.60 -17.18 29.79
C GLN A 275 7.18 -18.51 29.17
N GLY A 276 7.16 -18.57 27.85
CA GLY A 276 6.87 -19.83 27.17
C GLY A 276 5.42 -20.23 27.22
N THR A 277 4.51 -19.28 27.44
CA THR A 277 3.08 -19.54 27.49
C THR A 277 2.32 -18.56 26.60
N HIS A 278 1.13 -18.96 26.16
CA HIS A 278 0.30 -18.06 25.34
C HIS A 278 -0.16 -16.86 26.14
N GLY A 279 -0.26 -16.99 27.45
CA GLY A 279 -0.73 -15.89 28.29
C GLY A 279 0.14 -14.65 28.23
N VAL A 280 1.42 -14.80 27.89
CA VAL A 280 2.31 -13.62 27.78
CA VAL A 280 2.38 -13.71 27.81
C VAL A 280 2.33 -13.02 26.41
N HIS A 281 1.62 -13.60 25.45
CA HIS A 281 1.55 -13.02 24.11
C HIS A 281 0.93 -11.62 24.13
N GLY A 282 -0.22 -11.50 24.79
CA GLY A 282 -1.14 -10.41 24.50
C GLY A 282 -1.81 -9.73 25.64
N ALA A 283 -1.28 -9.86 26.83
CA ALA A 283 -1.82 -9.16 27.98
C ALA A 283 -0.68 -8.69 28.86
N PRO A 284 -0.92 -7.63 29.63
CA PRO A 284 0.09 -7.14 30.55
C PRO A 284 0.55 -8.18 31.56
N LEU A 285 1.83 -8.10 31.94
CA LEU A 285 2.36 -8.96 32.99
C LEU A 285 1.80 -8.56 34.36
N LYS A 286 1.83 -9.49 35.29
CA LYS A 286 1.49 -9.17 36.66
C LYS A 286 2.55 -8.28 37.30
N ALA A 287 2.15 -7.43 38.23
CA ALA A 287 3.09 -6.50 38.84
C ALA A 287 4.25 -7.22 39.54
N ASP A 288 3.98 -8.34 40.22
CA ASP A 288 5.06 -9.09 40.89
C ASP A 288 6.03 -9.71 39.90
N ASP A 289 5.53 -10.08 38.72
CA ASP A 289 6.38 -10.59 37.65
C ASP A 289 7.34 -9.50 37.20
N ILE A 290 6.82 -8.29 37.01
CA ILE A 290 7.68 -7.18 36.58
C ILE A 290 8.75 -6.89 37.64
N LYS A 291 8.40 -6.98 38.92
CA LYS A 291 9.41 -6.78 39.97
C LYS A 291 10.55 -7.77 39.87
N GLN A 292 10.23 -9.06 39.71
CA GLN A 292 11.28 -10.06 39.65
C GLN A 292 12.12 -9.93 38.38
N LEU A 293 11.51 -9.50 37.26
CA LEU A 293 12.27 -9.19 36.05
C LEU A 293 13.33 -8.14 36.33
N LYS A 294 12.90 -7.08 37.00
CA LYS A 294 13.81 -5.97 37.26
C LYS A 294 14.95 -6.42 38.17
N THR A 295 14.63 -7.12 39.25
CA THR A 295 15.69 -7.49 40.15
C THR A 295 16.63 -8.53 39.57
N LYS A 296 16.16 -9.41 38.68
CA LYS A 296 17.03 -10.44 38.09
C LYS A 296 18.04 -9.79 37.14
N TRP A 297 17.65 -8.67 36.55
CA TRP A 297 18.46 -7.97 35.56
C TRP A 297 19.19 -6.75 36.11
N GLY A 298 19.15 -6.55 37.43
CA GLY A 298 19.91 -5.48 38.08
C GLY A 298 19.25 -4.12 38.06
N PHE A 299 17.95 -4.06 37.78
CA PHE A 299 17.20 -2.82 37.78
C PHE A 299 16.44 -2.67 39.09
N ASN A 300 15.98 -1.46 39.35
CA ASN A 300 15.26 -1.16 40.57
C ASN A 300 13.79 -1.54 40.37
N PRO A 301 13.26 -2.51 41.14
CA PRO A 301 11.88 -2.94 40.96
C PRO A 301 10.85 -1.86 41.29
N GLU A 302 11.27 -0.82 41.99
CA GLU A 302 10.42 0.34 42.27
C GLU A 302 10.38 1.38 41.15
N GLU A 303 11.19 1.20 40.12
CA GLU A 303 11.33 2.20 39.06
C GLU A 303 10.76 1.69 37.76
N SER A 304 10.09 2.57 37.02
CA SER A 304 9.68 2.24 35.68
CA SER A 304 9.60 2.29 35.68
C SER A 304 10.29 3.21 34.66
N PHE A 305 10.36 2.74 33.42
CA PHE A 305 10.90 3.50 32.30
C PHE A 305 12.34 3.94 32.53
N ALA A 306 13.14 3.08 33.16
CA ALA A 306 14.55 3.40 33.38
C ALA A 306 15.34 3.36 32.09
N VAL A 307 16.23 4.34 31.91
CA VAL A 307 17.15 4.34 30.78
C VAL A 307 18.55 4.61 31.33
N PRO A 308 19.33 3.56 31.56
CA PRO A 308 20.69 3.75 32.08
C PRO A 308 21.52 4.61 31.12
N ALA A 309 22.25 5.56 31.69
CA ALA A 309 23.04 6.46 30.84
C ALA A 309 24.10 5.75 30.04
N GLU A 310 24.61 4.64 30.54
CA GLU A 310 25.60 3.91 29.75
C GLU A 310 25.00 3.34 28.46
N VAL A 311 23.72 2.95 28.52
CA VAL A 311 23.03 2.47 27.32
C VAL A 311 22.88 3.60 26.32
N THR A 312 22.39 4.75 26.79
CA THR A 312 22.31 5.91 25.95
C THR A 312 23.65 6.24 25.31
N ALA A 313 24.72 6.19 26.10
CA ALA A 313 26.03 6.52 25.55
C ALA A 313 26.39 5.55 24.44
N SER A 314 26.20 4.25 24.66
CA SER A 314 26.55 3.25 23.68
CA SER A 314 26.58 3.28 23.65
C SER A 314 25.76 3.45 22.38
N TYR A 315 24.48 3.71 22.53
CA TYR A 315 23.62 3.90 21.37
C TYR A 315 23.98 5.20 20.64
N ASN A 316 24.27 6.25 21.40
CA ASN A 316 24.70 7.50 20.81
C ASN A 316 25.97 7.35 19.99
N GLU A 317 26.88 6.49 20.42
CA GLU A 317 28.09 6.31 19.64
CA GLU A 317 28.14 6.24 19.66
C GLU A 317 27.78 5.72 18.27
N HIS A 318 26.85 4.77 18.23
CA HIS A 318 26.46 4.20 16.96
C HIS A 318 25.75 5.24 16.08
N VAL A 319 24.89 6.06 16.67
CA VAL A 319 24.25 7.13 15.93
C VAL A 319 25.29 8.07 15.34
N ALA A 320 26.27 8.47 16.14
CA ALA A 320 27.28 9.41 15.66
C ALA A 320 28.05 8.80 14.48
N GLU A 321 28.38 7.52 14.56
CA GLU A 321 29.06 6.84 13.47
C GLU A 321 28.18 6.81 12.22
N ASN A 322 26.89 6.52 12.39
CA ASN A 322 25.97 6.50 11.27
C ASN A 322 25.83 7.87 10.63
N GLN A 323 25.82 8.92 11.46
CA GLN A 323 25.72 10.26 10.93
C GLN A 323 26.94 10.64 10.11
N LYS A 324 28.12 10.17 10.52
CA LYS A 324 29.32 10.37 9.70
C LYS A 324 29.22 9.61 8.38
N ILE A 325 28.63 8.42 8.40
CA ILE A 325 28.39 7.68 7.17
C ILE A 325 27.44 8.46 6.25
N GLN A 326 26.37 9.02 6.79
CA GLN A 326 25.48 9.80 5.94
C GLN A 326 26.19 11.06 5.42
N GLN A 327 26.99 11.69 6.25
CA GLN A 327 27.74 12.87 5.82
C GLN A 327 28.61 12.53 4.61
N GLN A 328 29.29 11.39 4.67
CA GLN A 328 30.10 10.96 3.56
C GLN A 328 29.24 10.64 2.33
N TRP A 329 28.08 10.02 2.54
CA TRP A 329 27.16 9.77 1.45
C TRP A 329 26.74 11.08 0.77
N ASN A 330 26.48 12.12 1.56
CA ASN A 330 26.12 13.40 0.97
C ASN A 330 27.25 13.91 0.07
N GLU A 331 28.49 13.73 0.49
CA GLU A 331 29.61 14.13 -0.38
C GLU A 331 29.74 13.26 -1.61
N LEU A 332 29.47 11.95 -1.46
CA LEU A 332 29.45 11.06 -2.60
C LEU A 332 28.39 11.52 -3.62
N PHE A 333 27.21 11.88 -3.12
CA PHE A 333 26.13 12.35 -3.96
C PHE A 333 26.53 13.65 -4.68
N ALA A 334 27.16 14.57 -3.98
CA ALA A 334 27.63 15.78 -4.64
C ALA A 334 28.63 15.45 -5.75
N ALA A 335 29.56 14.53 -5.49
CA ALA A 335 30.53 14.14 -6.50
C ALA A 335 29.87 13.42 -7.67
N TYR A 336 28.83 12.64 -7.37
CA TYR A 336 28.04 11.97 -8.40
C TYR A 336 27.40 12.98 -9.36
N LYS A 337 26.83 14.04 -8.80
CA LYS A 337 26.21 15.08 -9.63
C LYS A 337 27.22 15.76 -10.53
N GLN A 338 28.47 15.86 -10.12
CA GLN A 338 29.50 16.38 -11.03
C GLN A 338 29.87 15.37 -12.11
N LYS A 339 30.05 14.11 -11.75
CA LYS A 339 30.51 13.08 -12.70
C LYS A 339 29.40 12.65 -13.70
N TYR A 340 28.15 12.64 -13.23
CA TYR A 340 26.98 12.16 -13.97
C TYR A 340 25.90 13.23 -13.88
N PRO A 341 26.04 14.31 -14.64
CA PRO A 341 25.17 15.47 -14.40
C PRO A 341 23.66 15.20 -14.58
N GLU A 342 23.31 14.47 -15.63
CA GLU A 342 21.89 14.20 -15.91
C GLU A 342 21.27 13.23 -14.90
N LEU A 343 21.97 12.16 -14.61
CA LEU A 343 21.48 11.21 -13.59
C LEU A 343 21.43 11.88 -12.24
N GLY A 344 22.42 12.71 -11.93
CA GLY A 344 22.43 13.39 -10.66
C GLY A 344 21.26 14.34 -10.49
N ALA A 345 20.92 15.08 -11.54
CA ALA A 345 19.78 15.99 -11.47
C ALA A 345 18.46 15.21 -11.34
N GLU A 346 18.36 14.09 -12.05
CA GLU A 346 17.19 13.22 -11.94
C GLU A 346 17.03 12.70 -10.51
N LEU A 347 18.13 12.23 -9.95
CA LEU A 347 18.10 11.72 -8.60
C LEU A 347 17.72 12.83 -7.62
N GLN A 348 18.30 14.01 -7.77
CA GLN A 348 17.95 15.11 -6.89
C GLN A 348 16.46 15.44 -6.95
N ARG A 349 15.92 15.53 -8.17
CA ARG A 349 14.52 15.84 -8.36
C ARG A 349 13.64 14.81 -7.61
N ARG A 350 13.97 13.53 -7.77
CA ARG A 350 13.22 12.47 -7.11
C ARG A 350 13.30 12.56 -5.61
N LEU A 351 14.50 12.86 -5.06
CA LEU A 351 14.64 13.00 -3.62
C LEU A 351 13.91 14.22 -3.08
N ASP A 352 13.68 15.22 -3.95
CA ASP A 352 12.87 16.38 -3.61
C ASP A 352 11.36 16.11 -3.73
N GLY A 353 10.97 14.95 -4.22
CA GLY A 353 9.58 14.58 -4.35
C GLY A 353 8.84 15.21 -5.50
N LYS A 354 9.59 15.64 -6.52
CA LYS A 354 9.04 16.35 -7.67
C LYS A 354 9.06 15.48 -8.90
N LEU A 355 7.97 15.47 -9.63
CA LEU A 355 7.92 14.87 -10.95
C LEU A 355 8.67 15.74 -11.98
N PRO A 356 9.02 15.19 -13.14
CA PRO A 356 9.62 16.01 -14.18
C PRO A 356 8.72 17.17 -14.56
N GLU A 357 9.34 18.33 -14.80
CA GLU A 357 8.59 19.50 -15.23
C GLU A 357 7.78 19.19 -16.50
N ASN A 358 6.51 19.53 -16.43
CA ASN A 358 5.56 19.36 -17.53
C ASN A 358 5.48 17.91 -18.05
N TRP A 359 5.68 16.94 -17.16
CA TRP A 359 5.59 15.53 -17.54
C TRP A 359 4.23 15.24 -18.17
N ASP A 360 3.20 15.93 -17.69
CA ASP A 360 1.84 15.63 -18.09
C ASP A 360 1.54 16.03 -19.54
N LYS A 361 2.43 16.80 -20.17
CA LYS A 361 2.29 17.03 -21.59
C LYS A 361 2.39 15.74 -22.43
N ALA A 362 2.92 14.66 -21.85
CA ALA A 362 2.96 13.37 -22.52
C ALA A 362 1.61 12.65 -22.49
N LEU A 363 0.66 13.07 -21.64
CA LEU A 363 -0.61 12.37 -21.56
C LEU A 363 -1.36 12.51 -22.87
N PRO A 364 -1.88 11.39 -23.41
CA PRO A 364 -2.66 11.47 -24.63
C PRO A 364 -3.96 12.24 -24.46
N VAL A 365 -4.34 12.94 -25.52
CA VAL A 365 -5.58 13.71 -25.58
C VAL A 365 -6.37 13.23 -26.81
N TYR A 366 -7.68 13.19 -26.66
CA TYR A 366 -8.60 12.67 -27.66
C TYR A 366 -9.67 13.68 -27.97
N THR A 367 -10.30 13.50 -29.13
CA THR A 367 -11.44 14.30 -29.51
C THR A 367 -12.59 13.37 -29.81
N PRO A 368 -13.79 13.93 -29.95
CA PRO A 368 -14.93 13.08 -30.26
C PRO A 368 -14.88 12.42 -31.64
N ALA A 369 -13.99 12.89 -32.52
CA ALA A 369 -13.80 12.28 -33.83
C ALA A 369 -12.95 11.01 -33.79
N ASP A 370 -12.26 10.77 -32.68
CA ASP A 370 -11.41 9.60 -32.57
C ASP A 370 -12.22 8.32 -32.34
N ALA A 371 -11.62 7.19 -32.68
CA ALA A 371 -12.25 5.89 -32.57
C ALA A 371 -12.58 5.49 -31.14
N ALA A 372 -13.55 4.59 -31.00
CA ALA A 372 -13.84 3.96 -29.73
C ALA A 372 -12.69 3.04 -29.31
N VAL A 373 -12.39 3.02 -28.02
CA VAL A 373 -11.25 2.29 -27.47
C VAL A 373 -11.68 1.80 -26.08
N ALA A 374 -11.27 0.59 -25.71
CA ALA A 374 -11.49 0.12 -24.34
C ALA A 374 -10.61 0.92 -23.40
N THR A 375 -11.08 1.19 -22.18
CA THR A 375 -10.22 1.94 -21.28
C THR A 375 -9.00 1.12 -20.83
N ARG A 376 -9.02 -0.21 -20.91
CA ARG A 376 -7.78 -0.95 -20.68
C ARG A 376 -6.71 -0.59 -21.73
N LYS A 377 -7.14 -0.45 -22.98
CA LYS A 377 -6.21 -0.10 -24.06
C LYS A 377 -5.78 1.36 -23.96
N LEU A 378 -6.69 2.24 -23.59
CA LEU A 378 -6.30 3.63 -23.34
C LEU A 378 -5.25 3.70 -22.24
N SER A 379 -5.40 2.89 -21.21
CA SER A 379 -4.41 2.80 -20.14
C SER A 379 -3.05 2.34 -20.66
N GLU A 380 -3.04 1.30 -21.49
CA GLU A 380 -1.80 0.86 -22.15
C GLU A 380 -1.11 2.01 -22.87
N ILE A 381 -1.89 2.76 -23.62
CA ILE A 381 -1.35 3.87 -24.39
C ILE A 381 -0.78 4.93 -23.45
N VAL A 382 -1.50 5.28 -22.39
CA VAL A 382 -0.95 6.24 -21.42
C VAL A 382 0.39 5.76 -20.86
N LEU A 383 0.43 4.53 -20.39
CA LEU A 383 1.66 3.98 -19.82
C LEU A 383 2.80 4.04 -20.83
N SER A 384 2.48 3.72 -22.09
CA SER A 384 3.48 3.76 -23.17
C SER A 384 4.08 5.15 -23.36
N LYS A 385 3.29 6.18 -23.13
CA LYS A 385 3.76 7.56 -23.28
C LYS A 385 4.48 8.07 -22.05
N ILE A 386 4.03 7.69 -20.86
CA ILE A 386 4.58 8.31 -19.67
C ILE A 386 5.76 7.56 -19.06
N ILE A 387 5.82 6.24 -19.22
CA ILE A 387 6.95 5.48 -18.67
C ILE A 387 8.30 6.00 -19.20
N PRO A 388 8.43 6.28 -20.51
CA PRO A 388 9.72 6.80 -20.96
C PRO A 388 10.01 8.15 -20.42
N GLU A 389 9.05 8.90 -19.99
CA GLU A 389 9.23 10.29 -19.51
C GLU A 389 9.43 10.43 -18.00
N VAL A 390 9.01 9.41 -17.24
CA VAL A 390 8.97 9.51 -15.79
C VAL A 390 9.65 8.26 -15.24
N PRO A 391 10.96 8.34 -14.96
CA PRO A 391 11.72 7.13 -14.60
C PRO A 391 11.27 6.46 -13.31
N GLU A 392 10.66 7.24 -12.42
CA GLU A 392 10.20 6.68 -11.14
C GLU A 392 8.90 5.88 -11.26
N ILE A 393 8.33 5.75 -12.46
CA ILE A 393 7.22 4.79 -12.66
C ILE A 393 7.80 3.41 -12.92
N ILE A 394 7.40 2.45 -12.07
CA ILE A 394 7.61 1.03 -12.32
C ILE A 394 6.28 0.33 -11.98
N GLY A 395 6.09 -0.88 -12.48
CA GLY A 395 4.90 -1.59 -12.10
C GLY A 395 4.86 -2.95 -12.72
N GLY A 396 3.72 -3.63 -12.59
CA GLY A 396 3.63 -4.99 -13.10
C GLY A 396 2.21 -5.46 -13.12
N SER A 397 2.05 -6.77 -13.27
CA SER A 397 0.73 -7.45 -13.31
CA SER A 397 0.74 -7.39 -13.19
C SER A 397 0.84 -8.76 -12.58
N ALA A 398 -0.29 -9.19 -12.02
CA ALA A 398 -0.43 -10.48 -11.39
C ALA A 398 -0.82 -11.56 -12.45
N ASP A 399 0.13 -11.89 -13.32
CA ASP A 399 -0.09 -12.88 -14.38
C ASP A 399 -1.20 -12.51 -15.34
N LEU A 400 -1.42 -11.23 -15.58
CA LEU A 400 -2.44 -10.78 -16.51
C LEU A 400 -1.90 -9.74 -17.47
N THR A 401 -0.61 -9.80 -17.77
CA THR A 401 0.00 -8.77 -18.61
C THR A 401 -0.69 -8.58 -19.97
N PRO A 402 -1.01 -9.68 -20.71
CA PRO A 402 -1.65 -9.47 -22.01
C PRO A 402 -3.13 -9.15 -21.95
N SER A 403 -3.73 -9.20 -20.76
CA SER A 403 -5.15 -8.86 -20.57
CA SER A 403 -5.11 -8.88 -20.56
C SER A 403 -5.31 -7.50 -19.95
N ASN A 404 -4.46 -7.15 -18.97
CA ASN A 404 -4.51 -5.84 -18.36
C ASN A 404 -3.84 -4.76 -19.24
N LEU A 405 -2.91 -5.19 -20.09
CA LEU A 405 -2.18 -4.32 -21.02
C LEU A 405 -1.29 -3.32 -20.27
N THR A 406 -0.52 -3.85 -19.32
CA THR A 406 0.23 -3.06 -18.35
C THR A 406 1.71 -2.86 -18.68
N LYS A 407 2.22 -3.55 -19.71
CA LYS A 407 3.61 -3.41 -20.05
C LYS A 407 3.79 -2.54 -21.28
N ALA A 408 4.67 -1.53 -21.18
CA ALA A 408 5.03 -0.71 -22.35
C ALA A 408 5.98 -1.49 -23.25
N LYS A 409 5.70 -1.53 -24.54
CA LYS A 409 6.62 -2.15 -25.49
C LYS A 409 8.01 -1.49 -25.42
N GLY A 410 9.08 -2.29 -25.46
CA GLY A 410 10.43 -1.74 -25.43
C GLY A 410 11.04 -1.60 -24.04
N THR A 411 10.28 -2.00 -23.02
CA THR A 411 10.80 -2.08 -21.67
C THR A 411 11.25 -3.49 -21.34
N VAL A 412 12.18 -3.56 -20.36
CA VAL A 412 12.62 -4.83 -19.90
C VAL A 412 12.06 -5.14 -18.53
N ASP A 413 11.90 -6.42 -18.27
CA ASP A 413 11.37 -6.85 -16.99
C ASP A 413 12.41 -6.70 -15.89
N PHE A 414 11.90 -6.42 -14.69
CA PHE A 414 12.69 -6.46 -13.47
C PHE A 414 12.91 -7.94 -13.12
N GLN A 415 14.14 -8.41 -13.31
CA GLN A 415 14.54 -9.77 -12.99
C GLN A 415 16.02 -9.69 -12.62
N PRO A 416 16.52 -10.63 -11.83
CA PRO A 416 17.98 -10.71 -11.71
C PRO A 416 18.58 -11.08 -13.06
N ALA A 417 19.65 -10.38 -13.44
CA ALA A 417 20.32 -10.66 -14.72
C ALA A 417 20.75 -12.10 -14.86
N ALA A 418 21.06 -12.78 -13.75
CA ALA A 418 21.46 -14.17 -13.80
C ALA A 418 20.44 -15.07 -14.49
N THR A 419 19.17 -14.66 -14.47
CA THR A 419 18.12 -15.46 -15.13
C THR A 419 18.11 -15.33 -16.66
N GLY A 420 18.70 -14.25 -17.17
CA GLY A 420 18.57 -13.92 -18.60
C GLY A 420 17.23 -13.36 -19.02
N LEU A 421 16.32 -13.14 -18.07
CA LEU A 421 14.93 -12.77 -18.37
C LEU A 421 14.62 -11.30 -18.15
N GLY A 422 15.62 -10.54 -17.71
CA GLY A 422 15.43 -9.13 -17.39
C GLY A 422 16.70 -8.66 -16.68
N ASP A 423 16.57 -7.54 -15.98
CA ASP A 423 17.72 -7.06 -15.20
C ASP A 423 17.05 -6.20 -14.06
N TYR A 424 17.77 -5.87 -13.02
CA TYR A 424 17.29 -5.10 -11.93
C TYR A 424 17.03 -3.67 -12.35
N SER A 425 17.62 -3.20 -13.47
CA SER A 425 17.25 -1.90 -14.01
C SER A 425 15.89 -1.89 -14.70
N GLY A 426 15.31 -3.07 -14.87
CA GLY A 426 14.02 -3.18 -15.55
C GLY A 426 12.91 -2.48 -14.80
N ARG A 427 11.81 -2.31 -15.52
CA ARG A 427 10.70 -1.48 -15.08
C ARG A 427 9.39 -2.23 -14.90
N TYR A 428 9.34 -3.49 -15.31
CA TYR A 428 8.09 -4.25 -15.37
C TYR A 428 8.24 -5.52 -14.53
N ILE A 429 7.34 -5.68 -13.57
CA ILE A 429 7.43 -6.77 -12.61
C ILE A 429 6.40 -7.86 -12.92
N ARG A 430 6.89 -9.08 -13.05
CA ARG A 430 6.05 -10.26 -13.25
C ARG A 430 5.69 -10.80 -11.87
N TYR A 431 4.57 -10.35 -11.33
CA TYR A 431 4.18 -10.73 -9.98
C TYR A 431 3.69 -12.17 -9.87
N GLY A 432 3.35 -12.79 -10.98
CA GLY A 432 2.66 -14.08 -10.90
C GLY A 432 1.27 -13.93 -10.32
N VAL A 433 0.62 -15.06 -10.00
CA VAL A 433 -0.79 -15.04 -9.58
C VAL A 433 -0.83 -14.80 -8.06
N ARG A 434 -0.53 -13.54 -7.70
CA ARG A 434 -0.18 -13.17 -6.33
C ARG A 434 -0.73 -11.78 -6.02
N GLU A 435 -2.05 -11.59 -6.12
CA GLU A 435 -2.59 -10.24 -5.98
C GLU A 435 -2.32 -9.62 -4.63
N HIS A 436 -2.51 -10.40 -3.57
CA HIS A 436 -2.36 -9.83 -2.25
C HIS A 436 -0.92 -9.39 -2.00
N ALA A 437 0.02 -10.26 -2.31
CA ALA A 437 1.43 -9.85 -2.16
C ALA A 437 1.77 -8.71 -3.09
N MET A 438 1.24 -8.69 -4.31
CA MET A 438 1.48 -7.54 -5.19
C MET A 438 1.05 -6.26 -4.48
N GLY A 439 -0.13 -6.26 -3.87
CA GLY A 439 -0.58 -5.07 -3.18
C GLY A 439 0.34 -4.63 -2.05
N ALA A 440 0.82 -5.59 -1.27
CA ALA A 440 1.69 -5.25 -0.14
C ALA A 440 3.12 -4.91 -0.60
N ILE A 441 3.57 -5.55 -1.66
CA ILE A 441 4.86 -5.19 -2.27
C ILE A 441 4.77 -3.77 -2.83
N MET A 442 3.67 -3.40 -3.48
CA MET A 442 3.52 -2.02 -3.95
CA MET A 442 3.50 -2.03 -3.96
C MET A 442 3.64 -1.04 -2.80
N ASN A 443 3.07 -1.36 -1.64
CA ASN A 443 3.22 -0.50 -0.48
C ASN A 443 4.68 -0.36 -0.08
N GLY A 444 5.42 -1.45 -0.12
CA GLY A 444 6.85 -1.37 0.18
C GLY A 444 7.65 -0.55 -0.82
N ILE A 445 7.34 -0.69 -2.10
CA ILE A 445 8.01 0.13 -3.11
C ILE A 445 7.74 1.62 -2.83
N ALA A 446 6.48 1.96 -2.55
CA ALA A 446 6.17 3.34 -2.20
C ALA A 446 6.92 3.77 -0.96
N ALA A 447 7.00 2.90 0.04
CA ALA A 447 7.66 3.21 1.29
C ALA A 447 9.15 3.47 1.10
N PHE A 448 9.77 2.81 0.12
CA PHE A 448 11.19 3.07 -0.14
C PHE A 448 11.44 4.56 -0.32
N GLY A 449 10.54 5.21 -1.06
CA GLY A 449 10.63 6.64 -1.31
C GLY A 449 11.18 6.92 -2.69
N ALA A 450 12.01 7.96 -2.80
CA ALA A 450 12.58 8.37 -4.08
C ALA A 450 11.52 8.61 -5.15
N ASN A 451 10.35 9.05 -4.72
CA ASN A 451 9.28 9.41 -5.62
C ASN A 451 8.74 8.24 -6.43
N TYR A 452 8.99 6.98 -6.03
CA TYR A 452 8.43 5.88 -6.81
C TYR A 452 6.92 6.00 -6.92
N LYS A 453 6.44 5.85 -8.16
CA LYS A 453 5.01 5.87 -8.50
C LYS A 453 4.76 4.51 -9.14
N ASN A 454 4.27 3.55 -8.35
CA ASN A 454 4.24 2.19 -8.82
C ASN A 454 2.83 1.63 -8.91
N TYR A 455 2.67 0.68 -9.83
CA TYR A 455 1.34 0.19 -10.17
C TYR A 455 1.32 -1.33 -10.28
N GLY A 456 0.11 -1.87 -10.22
CA GLY A 456 -0.10 -3.31 -10.26
C GLY A 456 -1.40 -3.61 -10.95
N GLY A 457 -1.35 -4.49 -11.96
CA GLY A 457 -2.52 -4.86 -12.73
C GLY A 457 -3.13 -6.19 -12.32
N THR A 458 -4.46 -6.21 -12.29
CA THR A 458 -5.23 -7.45 -12.23
C THR A 458 -6.63 -7.12 -12.72
N PHE A 459 -7.50 -8.14 -12.73
CA PHE A 459 -8.92 -7.86 -12.94
C PHE A 459 -9.50 -7.20 -11.70
N LEU A 460 -10.41 -6.24 -11.90
CA LEU A 460 -10.99 -5.54 -10.76
C LEU A 460 -11.56 -6.51 -9.71
N ASN A 461 -12.22 -7.59 -10.14
CA ASN A 461 -12.83 -8.47 -9.16
C ASN A 461 -11.80 -9.13 -8.24
N PHE A 462 -10.56 -9.27 -8.71
CA PHE A 462 -9.52 -9.91 -7.92
C PHE A 462 -8.65 -8.91 -7.16
N VAL A 463 -8.87 -7.61 -7.32
CA VAL A 463 -8.31 -6.66 -6.35
C VAL A 463 -8.79 -7.04 -4.95
N SER A 464 -9.99 -7.61 -4.86
CA SER A 464 -10.55 -8.04 -3.59
C SER A 464 -9.69 -9.06 -2.86
N TYR A 465 -8.92 -9.88 -3.59
CA TYR A 465 -7.98 -10.82 -2.98
C TYR A 465 -6.92 -10.11 -2.13
N ALA A 466 -6.68 -8.84 -2.46
CA ALA A 466 -5.63 -8.01 -1.85
C ALA A 466 -6.19 -6.98 -0.90
N ALA A 467 -7.46 -7.11 -0.48
CA ALA A 467 -8.07 -6.10 0.38
C ALA A 467 -7.24 -5.78 1.62
N GLY A 468 -6.59 -6.77 2.23
CA GLY A 468 -5.79 -6.49 3.41
C GLY A 468 -4.73 -5.42 3.17
N ALA A 469 -4.04 -5.54 2.04
CA ALA A 469 -3.01 -4.60 1.63
C ALA A 469 -3.59 -3.29 1.13
N VAL A 470 -4.67 -3.34 0.37
CA VAL A 470 -5.26 -2.13 -0.19
C VAL A 470 -5.67 -1.18 0.94
N ARG A 471 -6.33 -1.73 1.96
CA ARG A 471 -6.74 -0.90 3.07
C ARG A 471 -5.53 -0.23 3.74
N LEU A 472 -4.44 -0.97 3.84
CA LEU A 472 -3.21 -0.40 4.37
C LEU A 472 -2.59 0.64 3.45
N SER A 473 -2.76 0.54 2.14
CA SER A 473 -2.32 1.64 1.27
C SER A 473 -3.03 2.94 1.68
N ALA A 474 -4.33 2.84 1.95
CA ALA A 474 -5.13 3.98 2.32
C ALA A 474 -4.71 4.53 3.68
N LEU A 475 -4.59 3.65 4.69
CA LEU A 475 -4.22 4.07 6.03
C LEU A 475 -2.81 4.63 6.08
N SER A 476 -1.92 4.05 5.28
CA SER A 476 -0.51 4.46 5.23
C SER A 476 -0.25 5.66 4.32
N GLU A 477 -1.26 6.06 3.57
CA GLU A 477 -1.16 7.21 2.67
C GLU A 477 -0.10 7.01 1.60
N PHE A 478 -0.09 5.82 0.99
CA PHE A 478 0.85 5.55 -0.09
C PHE A 478 0.23 5.72 -1.47
N PRO A 479 0.95 6.43 -2.36
CA PRO A 479 0.45 6.68 -3.72
C PRO A 479 0.78 5.50 -4.65
N ILE A 480 0.10 4.38 -4.40
CA ILE A 480 0.15 3.22 -5.26
C ILE A 480 -1.05 3.23 -6.20
N THR A 481 -0.97 2.47 -7.29
CA THR A 481 -2.05 2.44 -8.27
C THR A 481 -2.35 1.02 -8.69
N TRP A 482 -3.63 0.67 -8.62
CA TRP A 482 -4.14 -0.57 -9.18
C TRP A 482 -4.70 -0.30 -10.57
N VAL A 483 -4.22 -1.06 -11.55
CA VAL A 483 -4.70 -1.00 -12.93
C VAL A 483 -5.68 -2.19 -13.04
N ALA A 484 -6.96 -1.88 -12.80
CA ALA A 484 -7.95 -2.92 -12.47
C ALA A 484 -8.92 -3.06 -13.63
N THR A 485 -8.57 -3.93 -14.58
CA THR A 485 -9.31 -4.04 -15.81
C THR A 485 -10.48 -5.00 -15.68
N HIS A 486 -11.28 -5.10 -16.72
CA HIS A 486 -12.42 -6.05 -16.75
C HIS A 486 -13.38 -5.70 -15.62
N ASP A 487 -13.81 -4.45 -15.64
CA ASP A 487 -14.48 -3.86 -14.49
C ASP A 487 -15.90 -4.28 -14.22
N SER A 488 -16.58 -4.97 -15.13
CA SER A 488 -18.02 -5.17 -14.95
C SER A 488 -18.47 -6.37 -15.76
N ILE A 489 -19.79 -6.56 -15.78
CA ILE A 489 -20.42 -7.47 -16.74
C ILE A 489 -20.00 -7.23 -18.19
N GLY A 490 -19.46 -6.05 -18.51
CA GLY A 490 -18.88 -5.83 -19.82
C GLY A 490 -17.79 -6.77 -20.24
N LEU A 491 -17.20 -7.50 -19.28
CA LEU A 491 -16.22 -8.52 -19.64
C LEU A 491 -16.85 -9.73 -20.32
N GLY A 492 -18.14 -9.97 -20.08
CA GLY A 492 -18.83 -11.03 -20.82
C GLY A 492 -18.66 -12.44 -20.30
N GLU A 493 -18.07 -13.29 -21.13
CA GLU A 493 -18.24 -14.74 -21.02
C GLU A 493 -17.62 -15.35 -19.79
N ASP A 494 -16.56 -14.78 -19.21
CA ASP A 494 -15.99 -15.39 -18.02
C ASP A 494 -17.03 -15.47 -16.89
N GLY A 495 -18.04 -14.61 -16.87
CA GLY A 495 -19.18 -14.83 -16.00
C GLY A 495 -19.06 -14.30 -14.60
N PRO A 496 -20.02 -14.69 -13.74
CA PRO A 496 -20.20 -14.01 -12.47
C PRO A 496 -19.08 -14.15 -11.47
N THR A 497 -18.27 -15.20 -11.59
CA THR A 497 -17.10 -15.33 -10.72
C THR A 497 -16.03 -14.27 -11.00
N HIS A 498 -16.13 -13.60 -12.15
CA HIS A 498 -15.17 -12.59 -12.58
C HIS A 498 -15.74 -11.19 -12.62
N GLN A 499 -17.06 -11.02 -12.52
CA GLN A 499 -17.71 -9.73 -12.75
C GLN A 499 -17.96 -8.99 -11.44
N PRO A 500 -17.31 -7.84 -11.24
CA PRO A 500 -17.51 -7.06 -10.03
C PRO A 500 -18.94 -6.58 -9.85
N ILE A 501 -19.38 -6.57 -8.60
CA ILE A 501 -20.67 -6.01 -8.20
C ILE A 501 -20.45 -5.05 -7.02
N GLU A 502 -19.83 -5.57 -5.98
CA GLU A 502 -19.62 -4.89 -4.70
C GLU A 502 -18.30 -4.12 -4.65
N THR A 503 -17.42 -4.31 -5.62
CA THR A 503 -16.02 -3.98 -5.46
C THR A 503 -15.78 -2.48 -5.35
N LEU A 504 -16.42 -1.70 -6.22
CA LEU A 504 -16.19 -0.27 -6.11
CA LEU A 504 -16.27 -0.23 -6.15
C LEU A 504 -16.83 0.30 -4.86
N ALA A 505 -17.98 -0.23 -4.42
CA ALA A 505 -18.56 0.25 -3.18
C ALA A 505 -17.62 0.00 -2.00
N HIS A 506 -17.02 -1.20 -1.96
CA HIS A 506 -16.08 -1.56 -0.92
C HIS A 506 -14.95 -0.53 -0.83
N PHE A 507 -14.30 -0.27 -1.95
CA PHE A 507 -13.12 0.61 -1.92
C PHE A 507 -13.51 2.07 -1.79
N ARG A 508 -14.64 2.50 -2.37
CA ARG A 508 -15.11 3.86 -2.16
C ARG A 508 -15.51 4.13 -0.71
N ALA A 509 -15.96 3.09 -0.01
CA ALA A 509 -16.33 3.19 1.40
C ALA A 509 -15.11 3.20 2.32
N THR A 510 -13.94 2.84 1.79
CA THR A 510 -12.72 2.89 2.55
C THR A 510 -12.19 4.32 2.52
N PRO A 511 -11.82 4.91 3.66
CA PRO A 511 -11.27 6.26 3.61
C PRO A 511 -10.02 6.32 2.72
N ASN A 512 -9.86 7.44 2.04
CA ASN A 512 -8.60 7.74 1.33
C ASN A 512 -8.25 6.78 0.20
N ILE A 513 -9.26 6.37 -0.60
CA ILE A 513 -9.00 5.67 -1.84
C ILE A 513 -9.68 6.40 -2.99
N SER A 514 -8.87 6.85 -3.95
CA SER A 514 -9.37 7.42 -5.19
CA SER A 514 -9.42 7.39 -5.21
C SER A 514 -9.74 6.25 -6.14
N VAL A 515 -11.00 6.17 -6.53
CA VAL A 515 -11.49 5.07 -7.37
C VAL A 515 -11.98 5.68 -8.69
N TRP A 516 -11.06 5.67 -9.65
CA TRP A 516 -11.33 6.26 -10.96
C TRP A 516 -11.98 5.23 -11.86
N ARG A 517 -13.06 5.62 -12.53
CA ARG A 517 -13.74 4.75 -13.49
C ARG A 517 -13.93 5.57 -14.76
N PRO A 518 -12.83 5.76 -15.52
CA PRO A 518 -12.90 6.71 -16.63
C PRO A 518 -13.78 6.22 -17.76
N ALA A 519 -14.45 7.16 -18.42
CA ALA A 519 -15.36 6.83 -19.49
C ALA A 519 -14.72 6.74 -20.85
N ASP A 520 -13.60 7.44 -21.06
CA ASP A 520 -13.04 7.59 -22.40
C ASP A 520 -11.59 7.97 -22.33
N GLY A 521 -11.01 8.35 -23.45
CA GLY A 521 -9.60 8.66 -23.51
C GLY A 521 -9.20 9.83 -22.64
N ASN A 522 -9.92 10.95 -22.72
CA ASN A 522 -9.54 12.08 -21.89
C ASN A 522 -9.66 11.78 -20.41
N GLU A 523 -10.73 11.07 -20.03
CA GLU A 523 -10.88 10.75 -18.61
C GLU A 523 -9.79 9.79 -18.13
N THR A 524 -9.34 8.88 -18.99
CA THR A 524 -8.29 7.94 -18.61
C THR A 524 -6.97 8.69 -18.36
N SER A 525 -6.70 9.70 -19.21
CA SER A 525 -5.52 10.54 -18.97
C SER A 525 -5.65 11.32 -17.67
N ALA A 526 -6.83 11.85 -17.36
CA ALA A 526 -7.02 12.54 -16.08
C ALA A 526 -6.79 11.58 -14.91
N ALA A 527 -7.26 10.34 -15.03
CA ALA A 527 -7.09 9.36 -13.97
C ALA A 527 -5.61 9.11 -13.69
N TYR A 528 -4.82 8.93 -14.76
CA TYR A 528 -3.39 8.76 -14.59
C TYR A 528 -2.71 10.02 -14.06
N LYS A 529 -3.15 11.20 -14.50
CA LYS A 529 -2.56 12.42 -13.96
C LYS A 529 -2.70 12.43 -12.43
N SER A 530 -3.91 12.07 -11.96
CA SER A 530 -4.17 12.02 -10.53
C SER A 530 -3.31 10.95 -9.85
N ALA A 531 -3.27 9.76 -10.45
CA ALA A 531 -2.56 8.64 -9.83
C ALA A 531 -1.07 8.89 -9.70
N ILE A 532 -0.45 9.49 -10.73
CA ILE A 532 0.98 9.74 -10.73
C ILE A 532 1.34 10.94 -9.88
N GLU A 533 0.51 11.98 -9.89
CA GLU A 533 0.76 13.15 -9.04
C GLU A 533 0.53 12.88 -7.56
N SER A 534 -0.23 11.83 -7.24
CA SER A 534 -0.56 11.53 -5.86
C SER A 534 0.70 11.41 -5.00
N THR A 535 0.61 11.92 -3.79
CA THR A 535 1.62 11.69 -2.78
C THR A 535 1.07 10.99 -1.54
N HIS A 536 -0.25 11.03 -1.31
CA HIS A 536 -0.82 10.49 -0.08
C HIS A 536 -2.05 9.66 -0.26
N THR A 537 -2.44 9.35 -1.50
CA THR A 537 -3.72 8.68 -1.73
C THR A 537 -3.57 7.58 -2.76
N PRO A 538 -3.84 6.32 -2.38
CA PRO A 538 -3.81 5.25 -3.37
C PRO A 538 -4.96 5.39 -4.36
N HIS A 539 -4.71 4.87 -5.56
CA HIS A 539 -5.66 4.91 -6.66
C HIS A 539 -5.99 3.52 -7.14
N ILE A 540 -7.26 3.34 -7.49
CA ILE A 540 -7.72 2.17 -8.22
C ILE A 540 -8.34 2.69 -9.51
N LEU A 541 -7.84 2.23 -10.65
CA LEU A 541 -8.35 2.59 -11.97
CA LEU A 541 -8.38 2.61 -11.96
C LEU A 541 -9.17 1.42 -12.48
N ALA A 542 -10.49 1.61 -12.54
CA ALA A 542 -11.42 0.58 -12.99
C ALA A 542 -11.63 0.76 -14.50
N LEU A 543 -11.16 -0.22 -15.26
CA LEU A 543 -11.00 -0.11 -16.71
C LEU A 543 -11.76 -1.21 -17.42
N THR A 544 -12.17 -0.92 -18.65
CA THR A 544 -13.04 -1.84 -19.39
C THR A 544 -12.29 -2.79 -20.27
N ARG A 545 -12.90 -3.99 -20.43
CA ARG A 545 -12.55 -4.87 -21.53
C ARG A 545 -13.07 -4.34 -22.87
N GLN A 546 -14.29 -3.84 -22.86
CA GLN A 546 -15.02 -3.48 -24.08
C GLN A 546 -14.75 -2.05 -24.54
N ASN A 547 -14.93 -1.80 -25.84
CA ASN A 547 -14.70 -0.47 -26.39
C ASN A 547 -15.76 0.55 -25.95
N LEU A 548 -15.34 1.79 -25.74
CA LEU A 548 -16.22 2.90 -25.42
C LEU A 548 -15.92 4.06 -26.34
N PRO A 549 -16.95 4.85 -26.69
CA PRO A 549 -16.72 6.00 -27.58
C PRO A 549 -16.04 7.17 -26.88
N GLN A 550 -15.35 7.99 -27.66
CA GLN A 550 -14.86 9.27 -27.14
C GLN A 550 -16.02 10.23 -26.96
N LEU A 551 -16.12 10.87 -25.80
CA LEU A 551 -17.30 11.68 -25.48
C LEU A 551 -17.18 13.11 -25.94
N GLU A 552 -18.27 13.64 -26.46
CA GLU A 552 -18.41 15.06 -26.66
C GLU A 552 -18.48 15.75 -25.30
N GLY A 553 -17.54 16.64 -25.01
CA GLY A 553 -17.54 17.38 -23.76
C GLY A 553 -16.50 16.95 -22.74
N SER A 554 -15.79 15.85 -22.98
CA SER A 554 -14.78 15.43 -22.02
C SER A 554 -13.47 16.17 -22.30
N SER A 555 -12.68 16.30 -21.24
CA SER A 555 -11.33 16.85 -21.32
C SER A 555 -10.57 16.40 -20.10
N ILE A 556 -9.25 16.44 -20.18
CA ILE A 556 -8.44 16.23 -18.98
C ILE A 556 -8.79 17.28 -17.92
N GLU A 557 -8.90 18.54 -18.32
CA GLU A 557 -9.19 19.61 -17.37
C GLU A 557 -10.46 19.32 -16.58
N LYS A 558 -11.56 19.03 -17.27
CA LYS A 558 -12.80 18.84 -16.54
C LYS A 558 -12.80 17.54 -15.73
N ALA A 559 -12.26 16.47 -16.32
CA ALA A 559 -12.24 15.19 -15.61
C ALA A 559 -11.36 15.23 -14.37
N SER A 560 -10.35 16.10 -14.37
CA SER A 560 -9.48 16.25 -13.21
C SER A 560 -10.21 16.75 -11.96
N LYS A 561 -11.42 17.30 -12.13
CA LYS A 561 -12.25 17.71 -11.01
C LYS A 561 -13.00 16.54 -10.36
N GLY A 562 -12.84 15.33 -10.91
CA GLY A 562 -13.49 14.14 -10.35
C GLY A 562 -14.93 13.93 -10.79
N GLY A 563 -15.68 15.03 -10.89
CA GLY A 563 -17.02 15.02 -11.43
C GLY A 563 -17.23 16.31 -12.17
N TYR A 564 -17.97 16.26 -13.27
CA TYR A 564 -18.17 17.46 -14.09
C TYR A 564 -19.42 17.31 -14.93
N THR A 565 -19.94 18.46 -15.35
CA THR A 565 -21.08 18.50 -16.24
C THR A 565 -20.61 18.20 -17.65
N LEU A 566 -21.01 17.05 -18.18
CA LEU A 566 -20.67 16.63 -19.52
C LEU A 566 -21.62 17.29 -20.53
N VAL A 567 -22.91 17.17 -20.27
CA VAL A 567 -23.95 17.79 -21.08
C VAL A 567 -24.76 18.69 -20.16
N GLN A 568 -24.68 20.01 -20.39
CA GLN A 568 -25.43 21.00 -19.64
C GLN A 568 -26.78 21.20 -20.31
N GLN A 569 -27.83 21.18 -19.51
CA GLN A 569 -29.17 21.44 -20.00
C GLN A 569 -29.82 22.42 -19.02
N ASP A 570 -29.94 23.70 -19.43
CA ASP A 570 -30.52 24.71 -18.55
C ASP A 570 -31.97 24.48 -18.13
N LYS A 571 -32.71 23.75 -18.94
CA LYS A 571 -34.10 23.48 -18.51
C LYS A 571 -34.27 22.01 -18.23
N ALA A 572 -33.29 21.40 -17.56
CA ALA A 572 -33.35 19.98 -17.35
C ALA A 572 -34.53 19.56 -16.51
N ASP A 573 -35.19 18.49 -16.97
CA ASP A 573 -36.16 17.76 -16.17
C ASP A 573 -35.50 16.75 -15.24
N ILE A 574 -34.27 16.34 -15.59
CA ILE A 574 -33.53 15.34 -14.85
C ILE A 574 -32.06 15.49 -15.22
N ILE A 575 -31.18 15.16 -14.29
CA ILE A 575 -29.75 15.00 -14.57
C ILE A 575 -29.44 13.52 -14.35
N ILE A 576 -28.73 12.92 -15.30
CA ILE A 576 -28.22 11.56 -15.17
C ILE A 576 -26.74 11.65 -14.83
N VAL A 577 -26.35 11.07 -13.69
CA VAL A 577 -24.95 11.00 -13.28
C VAL A 577 -24.47 9.57 -13.49
N ALA A 578 -23.31 9.41 -14.11
CA ALA A 578 -22.84 8.10 -14.47
C ALA A 578 -21.32 8.08 -14.43
N THR A 579 -20.78 6.86 -14.53
CA THR A 579 -19.34 6.64 -14.58
C THR A 579 -19.00 5.68 -15.71
N GLY A 580 -17.75 5.74 -16.14
CA GLY A 580 -17.22 4.68 -16.97
C GLY A 580 -18.05 4.39 -18.19
N SER A 581 -18.27 3.10 -18.42
CA SER A 581 -19.05 2.64 -19.54
C SER A 581 -20.50 3.15 -19.55
N GLU A 582 -21.02 3.59 -18.41
CA GLU A 582 -22.39 4.04 -18.36
C GLU A 582 -22.55 5.52 -18.76
N VAL A 583 -21.47 6.28 -18.93
CA VAL A 583 -21.63 7.66 -19.38
C VAL A 583 -22.16 7.69 -20.81
N SER A 584 -21.57 6.91 -21.70
CA SER A 584 -22.04 6.83 -23.07
C SER A 584 -23.49 6.33 -23.11
N LEU A 585 -23.83 5.40 -22.23
CA LEU A 585 -25.20 4.92 -22.10
C LEU A 585 -26.14 6.07 -21.73
N ALA A 586 -25.74 6.90 -20.77
CA ALA A 586 -26.53 8.05 -20.37
C ALA A 586 -26.72 9.03 -21.52
N VAL A 587 -25.66 9.28 -22.28
CA VAL A 587 -25.77 10.18 -23.43
C VAL A 587 -26.76 9.62 -24.47
N ASP A 588 -26.73 8.32 -24.70
CA ASP A 588 -27.69 7.69 -25.61
C ASP A 588 -29.12 7.77 -25.03
N ALA A 589 -29.26 7.59 -23.73
CA ALA A 589 -30.57 7.72 -23.09
C ALA A 589 -31.13 9.14 -23.21
N LEU A 590 -30.27 10.15 -23.16
CA LEU A 590 -30.70 11.52 -23.30
C LEU A 590 -31.44 11.68 -24.63
N LYS A 591 -30.93 11.07 -25.69
CA LYS A 591 -31.56 11.16 -26.98
C LYS A 591 -32.94 10.45 -27.00
N VAL A 592 -33.05 9.28 -26.39
CA VAL A 592 -34.34 8.61 -26.26
C VAL A 592 -35.33 9.50 -25.48
N LEU A 593 -34.86 10.10 -24.40
CA LEU A 593 -35.70 10.97 -23.58
C LEU A 593 -36.20 12.18 -24.34
N GLU A 594 -35.36 12.75 -25.20
CA GLU A 594 -35.77 13.89 -26.00
C GLU A 594 -37.01 13.52 -26.81
N GLY A 595 -37.06 12.31 -27.35
CA GLY A 595 -38.24 11.84 -28.08
C GLY A 595 -39.47 11.63 -27.24
N GLN A 596 -39.30 11.49 -25.95
CA GLN A 596 -40.39 11.39 -24.96
C GLN A 596 -40.75 12.78 -24.36
N GLY A 597 -40.14 13.85 -24.85
CA GLY A 597 -40.36 15.19 -24.34
C GLY A 597 -39.71 15.51 -23.00
N ILE A 598 -38.65 14.78 -22.66
CA ILE A 598 -37.91 14.97 -21.42
C ILE A 598 -36.50 15.45 -21.74
N LYS A 599 -36.12 16.56 -21.11
CA LYS A 599 -34.79 17.15 -21.31
C LYS A 599 -33.86 16.71 -20.17
N ALA A 600 -32.76 16.07 -20.52
CA ALA A 600 -31.81 15.61 -19.51
C ALA A 600 -30.47 16.29 -19.67
N GLY A 601 -29.80 16.47 -18.53
CA GLY A 601 -28.36 16.74 -18.51
C GLY A 601 -27.59 15.47 -18.13
N VAL A 602 -26.29 15.48 -18.39
CA VAL A 602 -25.43 14.36 -18.02
C VAL A 602 -24.23 14.87 -17.23
N VAL A 603 -23.96 14.21 -16.11
CA VAL A 603 -22.76 14.40 -15.32
C VAL A 603 -21.92 13.14 -15.40
N SER A 604 -20.61 13.31 -15.62
CA SER A 604 -19.67 12.22 -15.52
C SER A 604 -18.92 12.34 -14.19
N LEU A 605 -18.83 11.24 -13.45
CA LEU A 605 -18.24 11.25 -12.11
C LEU A 605 -17.09 10.24 -12.04
N PRO A 606 -16.00 10.50 -12.78
CA PRO A 606 -14.93 9.51 -12.85
C PRO A 606 -14.26 9.20 -11.51
N ASP A 607 -14.19 10.13 -10.56
CA ASP A 607 -13.69 9.77 -9.21
C ASP A 607 -14.47 10.51 -8.16
N GLN A 608 -15.20 9.74 -7.35
CA GLN A 608 -15.98 10.32 -6.27
C GLN A 608 -15.12 11.01 -5.22
N LEU A 609 -13.95 10.47 -4.89
CA LEU A 609 -13.12 11.10 -3.86
C LEU A 609 -12.64 12.48 -4.33
N THR A 610 -12.07 12.54 -5.54
CA THR A 610 -11.63 13.82 -6.08
C THR A 610 -12.79 14.80 -6.14
N PHE A 611 -13.96 14.35 -6.59
CA PHE A 611 -15.11 15.23 -6.63
C PHE A 611 -15.45 15.78 -5.24
N ASP A 612 -15.48 14.90 -4.26
CA ASP A 612 -15.83 15.29 -2.91
C ASP A 612 -14.92 16.39 -2.37
N LYS A 613 -13.66 16.37 -2.79
CA LYS A 613 -12.67 17.35 -2.36
C LYS A 613 -12.79 18.72 -3.02
N GLN A 614 -13.63 18.85 -4.04
CA GLN A 614 -13.83 20.15 -4.68
C GLN A 614 -14.64 21.07 -3.78
N SER A 615 -14.67 22.36 -4.12
CA SER A 615 -15.44 23.30 -3.33
C SER A 615 -16.95 22.97 -3.35
N GLU A 616 -17.65 23.41 -2.32
CA GLU A 616 -19.09 23.22 -2.24
C GLU A 616 -19.77 23.84 -3.43
N GLU A 617 -19.34 25.04 -3.81
CA GLU A 617 -19.95 25.73 -4.92
C GLU A 617 -19.70 24.98 -6.24
N TYR A 618 -18.47 24.47 -6.46
CA TYR A 618 -18.22 23.67 -7.65
C TYR A 618 -19.14 22.46 -7.67
N LYS A 619 -19.20 21.75 -6.56
CA LYS A 619 -20.00 20.52 -6.51
C LYS A 619 -21.47 20.81 -6.80
N LEU A 620 -22.01 21.90 -6.24
CA LEU A 620 -23.39 22.29 -6.49
C LEU A 620 -23.63 22.74 -7.94
N SER A 621 -22.59 23.24 -8.62
CA SER A 621 -22.72 23.57 -10.04
C SER A 621 -22.92 22.30 -10.88
N VAL A 622 -22.41 21.17 -10.40
CA VAL A 622 -22.54 19.89 -11.06
C VAL A 622 -23.83 19.16 -10.67
N LEU A 623 -24.19 19.24 -9.40
CA LEU A 623 -25.38 18.57 -8.86
C LEU A 623 -26.23 19.64 -8.16
N PRO A 624 -26.96 20.45 -8.94
CA PRO A 624 -27.70 21.57 -8.37
C PRO A 624 -28.96 21.16 -7.64
N ASP A 625 -29.51 22.09 -6.86
CA ASP A 625 -30.85 21.98 -6.34
C ASP A 625 -31.88 22.06 -7.48
N GLY A 626 -33.09 21.59 -7.20
CA GLY A 626 -34.24 21.86 -8.06
C GLY A 626 -34.43 20.92 -9.22
N VAL A 627 -33.72 19.80 -9.24
CA VAL A 627 -33.82 18.87 -10.36
C VAL A 627 -33.55 17.46 -9.87
N PRO A 628 -34.41 16.50 -10.23
CA PRO A 628 -34.10 15.11 -9.86
C PRO A 628 -32.84 14.62 -10.52
N ILE A 629 -32.11 13.77 -9.81
CA ILE A 629 -30.85 13.24 -10.28
C ILE A 629 -30.93 11.70 -10.17
N LEU A 630 -30.63 11.02 -11.28
CA LEU A 630 -30.59 9.56 -11.38
C LEU A 630 -29.16 9.12 -11.62
N SER A 631 -28.64 8.19 -10.81
CA SER A 631 -27.34 7.60 -11.09
C SER A 631 -27.48 6.34 -11.93
N VAL A 632 -26.46 6.08 -12.74
CA VAL A 632 -26.39 4.88 -13.57
C VAL A 632 -24.96 4.34 -13.54
N GLU A 633 -24.82 3.12 -13.03
CA GLU A 633 -23.51 2.45 -12.95
C GLU A 633 -23.84 0.97 -12.78
N VAL A 634 -23.26 0.11 -13.60
CA VAL A 634 -23.63 -1.33 -13.66
CA VAL A 634 -23.69 -1.31 -13.65
C VAL A 634 -23.06 -2.22 -12.54
N MET A 635 -23.15 -1.69 -11.36
CA MET A 635 -22.66 -2.41 -10.16
CA MET A 635 -22.67 -2.42 -10.15
C MET A 635 -23.48 -1.86 -8.91
N SER A 636 -23.05 -2.17 -7.72
CA SER A 636 -23.83 -1.84 -6.55
C SER A 636 -24.28 -0.39 -6.54
N THR A 637 -25.48 -0.17 -6.03
CA THR A 637 -25.95 1.20 -5.81
C THR A 637 -25.44 1.81 -4.50
N PHE A 638 -24.70 1.09 -3.67
CA PHE A 638 -24.20 1.67 -2.42
C PHE A 638 -23.33 2.89 -2.72
N GLY A 639 -23.49 3.91 -1.89
CA GLY A 639 -22.77 5.18 -2.01
C GLY A 639 -23.43 6.19 -2.92
N TRP A 640 -24.23 5.73 -3.88
CA TRP A 640 -24.70 6.61 -4.94
C TRP A 640 -25.69 7.66 -4.48
N SER A 641 -26.38 7.42 -3.37
CA SER A 641 -27.26 8.42 -2.80
C SER A 641 -26.53 9.70 -2.36
N LYS A 642 -25.21 9.67 -2.24
CA LYS A 642 -24.48 10.91 -2.01
C LYS A 642 -24.70 11.92 -3.14
N TYR A 643 -24.99 11.40 -4.34
CA TYR A 643 -24.94 12.17 -5.59
C TYR A 643 -26.23 12.16 -6.37
N SER A 644 -27.23 11.40 -5.90
CA SER A 644 -28.43 11.17 -6.69
C SER A 644 -29.63 10.95 -5.76
N HIS A 645 -30.80 11.17 -6.32
CA HIS A 645 -32.07 10.87 -5.65
C HIS A 645 -32.53 9.43 -5.88
N GLN A 646 -32.31 8.93 -7.08
CA GLN A 646 -32.66 7.55 -7.46
C GLN A 646 -31.43 6.92 -8.08
N GLN A 647 -31.32 5.60 -7.96
CA GLN A 647 -30.13 4.88 -8.41
C GLN A 647 -30.52 3.69 -9.26
N PHE A 648 -29.98 3.61 -10.46
CA PHE A 648 -30.08 2.44 -11.32
C PHE A 648 -28.73 1.74 -11.32
N GLY A 649 -28.68 0.60 -10.64
CA GLY A 649 -27.47 -0.18 -10.56
C GLY A 649 -27.77 -1.67 -10.68
N LEU A 650 -26.75 -2.46 -10.39
CA LEU A 650 -26.82 -3.92 -10.48
C LEU A 650 -26.43 -4.45 -9.10
N ASN A 651 -27.43 -5.01 -8.41
CA ASN A 651 -27.28 -5.47 -7.01
C ASN A 651 -27.44 -6.99 -6.89
N ARG A 652 -27.22 -7.69 -7.99
CA ARG A 652 -27.22 -9.15 -8.05
C ARG A 652 -25.96 -9.55 -8.82
N PHE A 653 -25.59 -10.83 -8.74
CA PHE A 653 -24.45 -11.31 -9.49
C PHE A 653 -24.75 -11.32 -10.98
N GLY A 654 -23.68 -11.41 -11.77
CA GLY A 654 -23.78 -11.34 -13.21
C GLY A 654 -24.15 -12.64 -13.90
N ALA A 655 -23.58 -12.86 -15.07
CA ALA A 655 -23.99 -13.97 -15.94
C ALA A 655 -22.88 -14.25 -16.93
N SER A 656 -22.82 -15.48 -17.42
CA SER A 656 -21.85 -15.86 -18.45
C SER A 656 -22.50 -15.81 -19.82
N GLY A 657 -22.07 -14.83 -20.62
CA GLY A 657 -22.60 -14.67 -21.99
C GLY A 657 -21.89 -13.51 -22.64
N LYS A 658 -22.22 -13.28 -23.90
CA LYS A 658 -21.67 -12.14 -24.61
C LYS A 658 -22.12 -10.85 -23.91
N ALA A 659 -21.18 -9.94 -23.70
CA ALA A 659 -21.47 -8.78 -22.87
C ALA A 659 -22.71 -7.97 -23.30
N PRO A 660 -22.89 -7.70 -24.60
CA PRO A 660 -24.08 -6.89 -24.95
C PRO A 660 -25.39 -7.56 -24.56
N GLU A 661 -25.42 -8.87 -24.59
CA GLU A 661 -26.62 -9.61 -24.18
C GLU A 661 -26.87 -9.50 -22.68
N ILE A 662 -25.81 -9.42 -21.89
CA ILE A 662 -25.95 -9.26 -20.44
C ILE A 662 -26.49 -7.85 -20.13
N PHE A 663 -25.94 -6.84 -20.80
CA PHE A 663 -26.48 -5.48 -20.62
C PHE A 663 -27.97 -5.43 -20.95
N LYS A 664 -28.35 -6.07 -22.06
CA LYS A 664 -29.75 -6.11 -22.44
C LYS A 664 -30.59 -6.84 -21.39
N LEU A 665 -30.11 -7.96 -20.88
CA LEU A 665 -30.85 -8.72 -19.87
C LEU A 665 -31.19 -7.86 -18.66
N PHE A 666 -30.22 -7.07 -18.22
CA PHE A 666 -30.40 -6.23 -17.04
C PHE A 666 -30.94 -4.84 -17.33
N GLU A 667 -31.30 -4.60 -18.60
CA GLU A 667 -31.94 -3.36 -19.04
C GLU A 667 -31.03 -2.13 -18.94
N PHE A 668 -29.73 -2.37 -18.99
CA PHE A 668 -28.74 -1.29 -19.12
C PHE A 668 -28.60 -0.98 -20.58
N THR A 669 -29.65 -0.34 -21.10
CA THR A 669 -29.82 0.01 -22.50
C THR A 669 -30.33 1.46 -22.52
N PRO A 670 -30.22 2.14 -23.67
CA PRO A 670 -30.73 3.52 -23.70
C PRO A 670 -32.21 3.60 -23.31
N GLU A 671 -32.99 2.62 -23.75
CA GLU A 671 -34.41 2.59 -23.43
C GLU A 671 -34.66 2.26 -21.96
N GLY A 672 -33.87 1.36 -21.39
CA GLY A 672 -34.02 1.02 -19.98
C GLY A 672 -33.69 2.18 -19.07
N VAL A 673 -32.62 2.89 -19.40
CA VAL A 673 -32.25 4.07 -18.63
C VAL A 673 -33.31 5.16 -18.81
N ALA A 674 -33.78 5.36 -20.05
CA ALA A 674 -34.81 6.38 -20.28
C ALA A 674 -36.08 6.05 -19.50
N GLU A 675 -36.47 4.78 -19.46
CA GLU A 675 -37.68 4.42 -18.73
C GLU A 675 -37.57 4.80 -17.26
N ARG A 676 -36.42 4.51 -16.66
CA ARG A 676 -36.20 4.83 -15.26
C ARG A 676 -36.06 6.32 -15.02
N ALA A 677 -35.47 7.04 -15.96
CA ALA A 677 -35.42 8.50 -15.91
C ALA A 677 -36.83 9.09 -15.96
N ALA A 678 -37.67 8.61 -16.87
CA ALA A 678 -39.03 9.11 -16.96
C ALA A 678 -39.80 8.82 -15.66
N LYS A 679 -39.62 7.62 -15.10
CA LYS A 679 -40.27 7.30 -13.83
C LYS A 679 -39.78 8.21 -12.71
N THR A 680 -38.50 8.57 -12.74
CA THR A 680 -37.93 9.49 -11.76
C THR A 680 -38.57 10.87 -11.87
N VAL A 681 -38.66 11.39 -13.09
CA VAL A 681 -39.33 12.68 -13.29
C VAL A 681 -40.76 12.62 -12.73
N ALA A 682 -41.50 11.55 -13.05
CA ALA A 682 -42.87 11.43 -12.59
C ALA A 682 -42.95 11.34 -11.06
N PHE A 683 -42.02 10.63 -10.44
CA PHE A 683 -42.01 10.44 -8.99
C PHE A 683 -41.83 11.76 -8.22
N TYR A 684 -41.12 12.71 -8.83
CA TYR A 684 -40.88 14.00 -8.20
C TYR A 684 -41.82 15.11 -8.65
N LYS A 685 -42.78 14.80 -9.50
CA LYS A 685 -43.81 15.80 -9.85
C LYS A 685 -44.53 16.29 -8.58
N GLY A 686 -44.61 17.59 -8.44
CA GLY A 686 -45.23 18.19 -7.26
C GLY A 686 -44.42 18.19 -5.98
N LYS A 687 -43.16 17.72 -6.06
CA LYS A 687 -42.26 17.70 -4.91
C LYS A 687 -41.19 18.77 -5.07
N ASP A 688 -40.70 19.26 -3.94
CA ASP A 688 -39.55 20.17 -3.89
C ASP A 688 -38.30 19.31 -3.76
N VAL A 689 -37.34 19.50 -4.66
CA VAL A 689 -36.16 18.66 -4.76
C VAL A 689 -34.93 19.51 -4.46
N VAL A 690 -34.09 19.09 -3.53
CA VAL A 690 -32.79 19.76 -3.29
C VAL A 690 -31.67 18.83 -3.62
N SER A 691 -30.49 19.40 -3.83
CA SER A 691 -29.37 18.59 -4.24
C SER A 691 -29.12 17.44 -3.24
N PRO A 692 -28.72 16.28 -3.77
CA PRO A 692 -28.25 15.21 -2.87
C PRO A 692 -27.05 15.65 -2.01
N LEU A 693 -26.35 16.70 -2.42
CA LEU A 693 -25.22 17.21 -1.66
C LEU A 693 -25.62 17.92 -0.37
N ARG A 694 -26.90 18.30 -0.23
CA ARG A 694 -27.37 18.94 0.98
C ARG A 694 -27.50 17.92 2.09
N SER A 695 -27.32 18.34 3.32
CA SER A 695 -27.54 17.45 4.46
C SER A 695 -27.87 18.26 5.68
N ALA A 696 -28.39 17.55 6.68
CA ALA A 696 -28.81 18.20 7.91
C ALA A 696 -27.65 18.53 8.84
N PHE A 697 -26.52 17.85 8.68
CA PHE A 697 -25.38 18.02 9.56
C PHE A 697 -24.17 17.46 8.84
CA CA B . 4.83 -17.15 17.92
C1 PEG C . 26.71 -0.50 -11.08
O1 PEG C . 28.08 -0.34 -10.64
C2 PEG C . 25.90 -1.02 -9.90
O2 PEG C . 24.57 -1.46 -10.19
C3 PEG C . 23.91 -1.87 -9.00
C4 PEG C . 24.68 -2.93 -8.25
O4 PEG C . 23.98 -3.33 -7.08
C1 PEG D . 14.16 -22.74 -6.02
O1 PEG D . 15.07 -22.46 -7.09
C2 PEG D . 14.79 -23.65 -4.94
O2 PEG D . 15.84 -24.47 -5.45
C3 PEG D . 16.54 -25.19 -4.43
C4 PEG D . 17.68 -24.37 -3.83
O4 PEG D . 17.74 -24.52 -2.40
C1 PEG E . 17.71 15.51 0.37
O1 PEG E . 16.36 15.83 0.01
C2 PEG E . 18.49 15.08 -0.86
O2 PEG E . 19.80 15.64 -0.85
C3 PEG E . 20.73 15.03 0.05
C4 PEG E . 21.30 16.09 0.99
O4 PEG E . 22.33 16.87 0.37
C1 F6R F . -2.52 -8.25 17.69
C2 F6R F . -3.85 -9.00 17.67
C3 F6R F . -4.23 -9.87 18.86
C4 F6R F . -5.22 -8.99 19.56
C5 F6R F . -5.87 -9.69 20.75
C6 F6R F . -6.99 -8.82 21.29
O1 F6R F . -2.11 -7.81 16.37
O2 F6R F . -4.66 -8.76 16.78
O3 F6R F . -3.12 -10.16 19.74
O4 F6R F . -4.54 -7.82 20.02
O5 F6R F . -6.38 -10.99 20.43
O6 F6R F . -7.45 -9.40 22.51
P F6R F . -8.78 -9.11 23.33
O1P F6R F . -9.54 -10.43 23.32
O2P F6R F . -8.39 -8.67 24.72
O3P F6R F . -9.42 -8.04 22.50
C4' 8EL G . -3.99 -10.07 13.11
C5' 8EL G . -4.73 -11.12 13.75
C6' 8EL G . -5.36 -11.98 12.89
N1' 8EL G . -5.25 -11.86 11.51
N3' 8EL G . -3.89 -9.96 11.74
C2' 8EL G . -4.53 -10.84 10.97
CM4 8EL G . -3.84 -14.04 15.43
CM2 8EL G . -4.50 -10.70 9.56
C7 8EL G . 0.23 -13.99 16.38
C6 8EL G . -1.18 -14.12 16.83
C2 8EL G . -2.94 -10.64 16.60
C7' 8EL G . -4.90 -11.31 15.17
C4 8EL G . -3.15 -12.80 15.96
C5 8EL G . -1.93 -12.84 16.53
N4' 8EL G . -3.34 -9.17 13.83
N3 8EL G . -3.58 -11.56 15.72
O1B 8EL G . 3.43 -12.93 19.99
O1A 8EL G . 2.69 -14.37 15.32
O2B 8EL G . 2.58 -15.23 19.97
O3B 8EL G . 4.82 -14.94 19.12
O2A 8EL G . 3.07 -16.32 16.85
O7 8EL G . 0.93 -15.10 16.92
O3A 8EL G . 2.92 -13.97 17.78
PB 8EL G . 3.56 -14.22 19.20
PA 8EL G . 2.43 -14.98 16.63
S1 8EL G . -1.42 -11.28 17.05
N1' TPP H . -5.30 -11.84 11.52
C2' TPP H . -4.56 -10.85 10.97
CM2 TPP H . -4.49 -10.75 9.47
N3' TPP H . -3.89 -9.95 11.71
C4' TPP H . -3.97 -10.01 13.07
N4' TPP H . -3.30 -9.10 13.81
C5' TPP H . -4.78 -11.10 13.68
C6' TPP H . -5.42 -11.97 12.83
C7' TPP H . -5.00 -11.31 15.16
N3 TPP H . -3.77 -11.67 15.85
C2 TPP H . -2.90 -10.78 16.29
S1 TPP H . -1.44 -11.30 17.05
C5 TPP H . -1.99 -12.88 16.62
C4 TPP H . -3.29 -12.89 15.93
CM4 TPP H . -4.01 -14.12 15.49
C6 TPP H . -1.14 -14.04 17.00
C7 TPP H . 0.25 -13.96 16.44
O7 TPP H . 0.91 -15.12 16.92
PA TPP H . 2.47 -15.03 16.67
O1A TPP H . 2.66 -14.37 15.34
O2A TPP H . 3.03 -16.38 16.94
O3A TPP H . 2.91 -13.97 17.78
PB TPP H . 3.56 -14.25 19.24
O1B TPP H . 3.73 -12.86 19.78
O2B TPP H . 2.51 -15.10 19.93
O3B TPP H . 4.82 -15.00 18.99
#